data_5OB4
#
_entry.id   5OB4
#
_cell.length_a   1.000
_cell.length_b   1.000
_cell.length_c   1.000
_cell.angle_alpha   90.00
_cell.angle_beta   90.00
_cell.angle_gamma   90.00
#
_symmetry.space_group_name_H-M   'P 1'
#
_entity_poly.entity_id   1
_entity_poly.type   'polypeptide(L)'
_entity_poly.pdbx_seq_one_letter_code
;GCPAEQRASPLTSIISAVVGILLVVVLGVVFGILIKRRQQKIRK
;
_entity_poly.pdbx_strand_id   A,B
#
# COMPACT_ATOMS: atom_id res chain seq x y z
N GLY A 1 -26.74 10.33 9.61
CA GLY A 1 -26.69 10.91 8.28
C GLY A 1 -25.76 12.11 8.19
N CYS A 2 -24.78 12.15 9.09
CA CYS A 2 -23.82 13.25 9.12
C CYS A 2 -22.40 12.73 9.24
N PRO A 3 -21.89 12.10 8.16
CA PRO A 3 -20.54 11.55 8.12
C PRO A 3 -19.47 12.63 8.11
N ALA A 4 -18.21 12.21 8.22
CA ALA A 4 -17.09 13.15 8.23
C ALA A 4 -17.25 14.19 9.31
N GLU A 5 -17.60 13.74 10.52
CA GLU A 5 -17.79 14.63 11.65
C GLU A 5 -16.56 14.63 12.55
N GLN A 6 -15.38 14.67 11.94
CA GLN A 6 -14.13 14.67 12.69
C GLN A 6 -13.49 16.05 12.68
N ARG A 7 -13.01 16.48 13.84
CA ARG A 7 -12.37 17.78 13.97
C ARG A 7 -10.90 17.64 14.34
N ALA A 8 -10.26 16.59 13.82
CA ALA A 8 -8.86 16.34 14.10
C ALA A 8 -7.98 17.41 13.47
N SER A 9 -6.71 17.44 13.87
CA SER A 9 -5.76 18.42 13.35
C SER A 9 -5.81 18.46 11.83
N PRO A 10 -5.23 19.52 11.24
CA PRO A 10 -5.19 19.71 9.79
C PRO A 10 -4.27 18.70 9.10
N LEU A 11 -3.47 18.01 9.89
CA LEU A 11 -2.55 17.01 9.36
C LEU A 11 -3.27 15.71 9.03
N THR A 12 -4.25 15.36 9.86
CA THR A 12 -5.02 14.14 9.66
C THR A 12 -5.51 14.03 8.21
N SER A 13 -5.80 15.18 7.61
CA SER A 13 -6.28 15.22 6.22
C SER A 13 -5.20 14.71 5.27
N ILE A 14 -3.99 15.23 5.42
CA ILE A 14 -2.87 14.84 4.56
C ILE A 14 -2.59 13.34 4.68
N ILE A 15 -2.59 12.84 5.91
CA ILE A 15 -2.35 11.42 6.15
C ILE A 15 -3.32 10.55 5.36
N SER A 16 -4.61 10.84 5.50
CA SER A 16 -5.65 10.08 4.81
C SER A 16 -5.44 10.13 3.31
N ALA A 17 -4.97 11.27 2.81
CA ALA A 17 -4.72 11.45 1.39
C ALA A 17 -3.64 10.49 0.90
N VAL A 18 -2.46 10.59 1.48
CA VAL A 18 -1.33 9.73 1.11
C VAL A 18 -1.75 8.26 1.12
N VAL A 19 -2.35 7.83 2.21
CA VAL A 19 -2.79 6.45 2.35
C VAL A 19 -3.59 6.00 1.13
N GLY A 20 -4.69 6.70 0.86
CA GLY A 20 -5.52 6.37 -0.28
C GLY A 20 -4.72 6.22 -1.57
N ILE A 21 -3.96 7.26 -1.90
CA ILE A 21 -3.13 7.25 -3.10
C ILE A 21 -2.14 6.09 -3.09
N LEU A 22 -1.35 6.00 -2.02
CA LEU A 22 -0.37 4.93 -1.89
C LEU A 22 -1.01 3.57 -2.15
N LEU A 23 -2.01 3.24 -1.35
CA LEU A 23 -2.70 1.96 -1.50
C LEU A 23 -2.98 1.65 -2.96
N VAL A 24 -3.65 2.58 -3.64
CA VAL A 24 -3.98 2.40 -5.06
C VAL A 24 -2.73 2.06 -5.87
N VAL A 25 -1.68 2.87 -5.70
CA VAL A 25 -0.43 2.66 -6.42
C VAL A 25 0.18 1.31 -6.05
N VAL A 26 0.12 0.96 -4.77
CA VAL A 26 0.67 -0.30 -4.29
C VAL A 26 0.16 -1.47 -5.12
N LEU A 27 -1.16 -1.64 -5.14
CA LEU A 27 -1.77 -2.73 -5.90
C LEU A 27 -1.59 -2.52 -7.40
N GLY A 28 -1.85 -1.30 -7.86
CA GLY A 28 -1.71 -0.99 -9.27
C GLY A 28 -0.35 -1.39 -9.82
N VAL A 29 0.70 -1.02 -9.11
CA VAL A 29 2.07 -1.35 -9.53
C VAL A 29 2.38 -2.81 -9.25
N VAL A 30 2.20 -3.23 -8.00
CA VAL A 30 2.47 -4.61 -7.62
C VAL A 30 1.80 -5.59 -8.57
N PHE A 31 0.55 -5.30 -8.94
CA PHE A 31 -0.19 -6.16 -9.85
C PHE A 31 0.26 -5.95 -11.29
N GLY A 32 0.62 -4.72 -11.62
CA GLY A 32 1.07 -4.41 -12.97
C GLY A 32 2.27 -5.24 -13.39
N ILE A 33 3.27 -5.30 -12.52
CA ILE A 33 4.48 -6.07 -12.82
C ILE A 33 4.24 -7.57 -12.61
N LEU A 34 3.62 -7.92 -11.49
CA LEU A 34 3.33 -9.31 -11.18
C LEU A 34 2.53 -9.96 -12.30
N ILE A 35 1.40 -9.32 -12.65
CA ILE A 35 0.54 -9.84 -13.70
C ILE A 35 1.26 -9.85 -15.05
N LYS A 36 1.89 -8.72 -15.40
CA LYS A 36 2.61 -8.62 -16.66
C LYS A 36 3.77 -9.60 -16.70
N ARG A 37 4.15 -10.12 -15.53
CA ARG A 37 5.25 -11.08 -15.44
C ARG A 37 4.77 -12.49 -15.73
N ARG A 38 3.56 -12.81 -15.27
CA ARG A 38 2.99 -14.13 -15.48
C ARG A 38 2.29 -14.20 -16.83
N GLN A 39 1.44 -13.22 -17.11
CA GLN A 39 0.70 -13.18 -18.37
C GLN A 39 0.03 -14.52 -18.65
N GLN A 40 -0.74 -15.00 -17.68
CA GLN A 40 -1.43 -16.27 -17.82
C GLN A 40 -2.95 -16.06 -17.79
N LYS A 41 -3.42 -15.11 -18.58
CA LYS A 41 -4.85 -14.80 -18.65
C LYS A 41 -5.22 -14.21 -20.00
N ILE A 42 -6.33 -14.67 -20.57
CA ILE A 42 -6.79 -14.18 -21.86
C ILE A 42 -5.64 -14.11 -22.85
N ARG A 43 -5.34 -15.24 -23.49
CA ARG A 43 -4.27 -15.30 -24.48
C ARG A 43 -4.78 -14.89 -25.86
N LYS A 44 -4.04 -13.99 -26.50
CA LYS A 44 -4.41 -13.51 -27.84
C LYS A 44 -4.19 -14.60 -28.88
N GLY B 1 28.31 -0.51 7.32
CA GLY B 1 29.26 0.27 8.09
C GLY B 1 29.39 1.69 7.57
N CYS B 2 28.35 2.18 6.90
CA CYS B 2 28.36 3.53 6.34
C CYS B 2 27.04 4.24 6.64
N PRO B 3 26.82 4.56 7.93
CA PRO B 3 25.61 5.25 8.36
C PRO B 3 25.56 6.71 7.90
N ALA B 4 24.42 7.35 8.10
CA ALA B 4 24.24 8.74 7.70
C ALA B 4 24.56 8.93 6.22
N GLU B 5 23.98 8.07 5.39
CA GLU B 5 24.21 8.15 3.95
C GLU B 5 23.06 8.86 3.24
N GLN B 6 22.44 9.80 3.94
CA GLN B 6 21.32 10.55 3.39
C GLN B 6 21.65 12.04 3.31
N ARG B 7 21.31 12.66 2.18
CA ARG B 7 21.56 14.07 1.97
C ARG B 7 20.26 14.86 1.87
N ALA B 8 19.15 14.20 2.17
CA ALA B 8 17.85 14.84 2.11
C ALA B 8 17.38 15.26 3.50
N SER B 9 16.33 16.08 3.54
CA SER B 9 15.79 16.56 4.81
C SER B 9 15.51 15.39 5.76
N PRO B 10 15.33 15.71 7.05
CA PRO B 10 15.06 14.72 8.09
C PRO B 10 13.69 14.09 7.94
N LEU B 11 12.85 14.70 7.09
CA LEU B 11 11.50 14.19 6.87
C LEU B 11 11.50 13.04 5.86
N THR B 12 12.41 13.12 4.89
CA THR B 12 12.51 12.08 3.87
C THR B 12 12.56 10.69 4.50
N SER B 13 13.13 10.61 5.70
CA SER B 13 13.24 9.34 6.40
C SER B 13 11.86 8.81 6.77
N ILE B 14 11.05 9.66 7.40
CA ILE B 14 9.71 9.28 7.81
C ILE B 14 8.87 8.83 6.61
N ILE B 15 8.94 9.61 5.54
CA ILE B 15 8.18 9.30 4.32
C ILE B 15 8.48 7.88 3.84
N SER B 16 9.77 7.57 3.70
CA SER B 16 10.19 6.25 3.25
C SER B 16 9.66 5.16 4.18
N ALA B 17 9.62 5.46 5.47
CA ALA B 17 9.14 4.51 6.46
C ALA B 17 7.66 4.17 6.23
N VAL B 18 6.82 5.20 6.26
CA VAL B 18 5.38 5.01 6.03
C VAL B 18 5.12 4.19 4.77
N VAL B 19 5.72 4.62 3.67
CA VAL B 19 5.55 3.94 2.39
C VAL B 19 5.76 2.43 2.55
N GLY B 20 6.96 2.05 2.99
CA GLY B 20 7.26 0.64 3.17
C GLY B 20 6.20 -0.09 3.97
N ILE B 21 5.89 0.42 5.16
CA ILE B 21 4.89 -0.19 6.02
C ILE B 21 3.54 -0.26 5.31
N LEU B 22 3.06 0.89 4.84
CA LEU B 22 1.78 0.96 4.15
C LEU B 22 1.69 -0.11 3.06
N LEU B 23 2.62 -0.05 2.10
CA LEU B 23 2.64 -1.01 1.01
C LEU B 23 2.40 -2.43 1.52
N VAL B 24 3.22 -2.85 2.48
CA VAL B 24 3.09 -4.19 3.06
C VAL B 24 1.67 -4.44 3.53
N VAL B 25 1.14 -3.52 4.33
CA VAL B 25 -0.21 -3.65 4.87
C VAL B 25 -1.24 -3.68 3.74
N VAL B 26 -1.02 -2.84 2.73
CA VAL B 26 -1.93 -2.77 1.59
C VAL B 26 -2.18 -4.16 1.00
N LEU B 27 -1.12 -4.81 0.57
CA LEU B 27 -1.22 -6.15 -0.02
C LEU B 27 -1.65 -7.17 1.04
N GLY B 28 -1.00 -7.11 2.19
CA GLY B 28 -1.33 -8.04 3.27
C GLY B 28 -2.82 -8.07 3.57
N VAL B 29 -3.41 -6.88 3.71
CA VAL B 29 -4.84 -6.79 4.00
C VAL B 29 -5.68 -7.07 2.77
N VAL B 30 -5.40 -6.34 1.69
CA VAL B 30 -6.12 -6.51 0.44
C VAL B 30 -6.19 -7.98 0.04
N PHE B 31 -5.07 -8.68 0.19
CA PHE B 31 -5.00 -10.09 -0.15
C PHE B 31 -5.64 -10.95 0.92
N GLY B 32 -5.50 -10.53 2.18
CA GLY B 32 -6.08 -11.27 3.28
C GLY B 32 -7.58 -11.45 3.14
N ILE B 33 -8.28 -10.36 2.84
CA ILE B 33 -9.72 -10.40 2.68
C ILE B 33 -10.12 -11.00 1.33
N LEU B 34 -9.46 -10.51 0.27
CA LEU B 34 -9.74 -11.00 -1.08
C LEU B 34 -9.56 -12.52 -1.16
N ILE B 35 -8.41 -13.00 -0.72
CA ILE B 35 -8.13 -14.43 -0.74
C ILE B 35 -9.08 -15.20 0.17
N LYS B 36 -9.22 -14.72 1.41
CA LYS B 36 -10.10 -15.36 2.37
C LYS B 36 -11.55 -15.32 1.90
N ARG B 37 -11.83 -14.46 0.92
CA ARG B 37 -13.17 -14.33 0.37
C ARG B 37 -13.42 -15.38 -0.70
N ARG B 38 -12.40 -15.67 -1.50
CA ARG B 38 -12.51 -16.66 -2.56
C ARG B 38 -12.26 -18.06 -2.02
N GLN B 39 -11.17 -18.22 -1.29
CA GLN B 39 -10.81 -19.51 -0.72
C GLN B 39 -10.86 -20.61 -1.77
N GLN B 40 -10.19 -20.37 -2.90
CA GLN B 40 -10.17 -21.35 -3.99
C GLN B 40 -8.77 -21.89 -4.21
N LYS B 41 -8.11 -22.27 -3.11
CA LYS B 41 -6.75 -22.81 -3.17
C LYS B 41 -6.46 -23.67 -1.94
N ILE B 42 -5.74 -24.76 -2.16
CA ILE B 42 -5.38 -25.67 -1.06
C ILE B 42 -4.90 -24.87 0.16
N ARG B 43 -5.74 -24.81 1.18
CA ARG B 43 -5.40 -24.09 2.40
C ARG B 43 -4.33 -24.84 3.19
N LYS B 44 -3.30 -24.12 3.60
CA LYS B 44 -2.20 -24.71 4.36
C LYS B 44 -2.66 -25.05 5.77
N GLY A 1 -21.52 4.12 14.09
CA GLY A 1 -21.50 4.51 15.49
C GLY A 1 -20.55 5.67 15.76
N CYS A 2 -20.87 6.82 15.18
CA CYS A 2 -20.05 8.01 15.37
C CYS A 2 -20.91 9.26 15.53
N PRO A 3 -20.35 10.30 16.16
CA PRO A 3 -21.05 11.57 16.39
C PRO A 3 -21.27 12.35 15.10
N ALA A 4 -21.77 13.58 15.23
CA ALA A 4 -22.02 14.43 14.08
C ALA A 4 -20.74 14.67 13.28
N GLU A 5 -20.89 15.09 12.03
CA GLU A 5 -19.75 15.36 11.18
C GLU A 5 -18.81 16.37 11.81
N GLN A 6 -17.62 15.92 12.19
CA GLN A 6 -16.63 16.79 12.82
C GLN A 6 -15.39 16.92 11.94
N ARG A 7 -14.83 18.12 11.89
CA ARG A 7 -13.64 18.38 11.09
C ARG A 7 -12.38 17.96 11.84
N ALA A 8 -11.24 18.10 11.18
CA ALA A 8 -9.96 17.74 11.79
C ALA A 8 -8.86 18.71 11.37
N SER A 9 -7.71 18.62 12.05
CA SER A 9 -6.59 19.49 11.75
C SER A 9 -6.29 19.52 10.25
N PRO A 10 -5.51 20.52 9.82
CA PRO A 10 -5.13 20.68 8.41
C PRO A 10 -4.18 19.59 7.93
N LEU A 11 -3.64 18.82 8.89
CA LEU A 11 -2.72 17.74 8.56
C LEU A 11 -3.47 16.49 8.10
N THR A 12 -4.63 16.25 8.71
CA THR A 12 -5.45 15.10 8.36
C THR A 12 -5.63 14.98 6.85
N SER A 13 -5.66 16.12 6.17
CA SER A 13 -5.82 16.15 4.73
C SER A 13 -4.64 15.49 4.03
N ILE A 14 -3.43 15.91 4.39
CA ILE A 14 -2.23 15.36 3.80
C ILE A 14 -2.13 13.85 4.04
N ILE A 15 -2.46 13.42 5.25
CA ILE A 15 -2.42 12.02 5.60
C ILE A 15 -3.28 11.19 4.64
N SER A 16 -4.53 11.58 4.49
CA SER A 16 -5.45 10.88 3.60
C SER A 16 -4.91 10.84 2.19
N ALA A 17 -4.25 11.92 1.77
CA ALA A 17 -3.68 12.00 0.44
C ALA A 17 -2.62 10.93 0.22
N VAL A 18 -1.59 10.96 1.06
CA VAL A 18 -0.50 10.00 0.96
C VAL A 18 -1.04 8.56 0.92
N VAL A 19 -1.90 8.24 1.87
CA VAL A 19 -2.49 6.90 1.95
C VAL A 19 -3.02 6.47 0.59
N GLY A 20 -3.97 7.24 0.06
CA GLY A 20 -4.55 6.92 -1.24
C GLY A 20 -3.51 6.65 -2.29
N ILE A 21 -2.59 7.60 -2.48
CA ILE A 21 -1.53 7.46 -3.47
C ILE A 21 -0.68 6.22 -3.20
N LEU A 22 -0.16 6.13 -1.99
CA LEU A 22 0.67 4.99 -1.60
C LEU A 22 -0.02 3.68 -1.95
N LEU A 23 -1.20 3.46 -1.39
CA LEU A 23 -1.96 2.24 -1.65
C LEU A 23 -1.93 1.88 -3.13
N VAL A 24 -2.34 2.83 -3.97
CA VAL A 24 -2.36 2.62 -5.41
C VAL A 24 -1.01 2.13 -5.91
N VAL A 25 0.04 2.86 -5.54
CA VAL A 25 1.39 2.51 -5.96
C VAL A 25 1.80 1.14 -5.42
N VAL A 26 1.42 0.86 -4.18
CA VAL A 26 1.73 -0.42 -3.56
C VAL A 26 1.31 -1.58 -4.45
N LEU A 27 0.02 -1.65 -4.76
CA LEU A 27 -0.50 -2.71 -5.60
C LEU A 27 0.02 -2.58 -7.03
N GLY A 28 -0.03 -1.37 -7.57
CA GLY A 28 0.44 -1.13 -8.92
C GLY A 28 1.84 -1.68 -9.15
N VAL A 29 2.75 -1.37 -8.23
CA VAL A 29 4.12 -1.83 -8.33
C VAL A 29 4.25 -3.30 -7.95
N VAL A 30 3.76 -3.64 -6.77
CA VAL A 30 3.81 -5.02 -6.29
C VAL A 30 3.29 -5.99 -7.35
N PHE A 31 2.18 -5.60 -7.99
CA PHE A 31 1.57 -6.44 -9.02
C PHE A 31 2.34 -6.33 -10.34
N GLY A 32 2.82 -5.13 -10.63
CA GLY A 32 3.58 -4.91 -11.86
C GLY A 32 4.77 -5.84 -11.97
N ILE A 33 5.56 -5.93 -10.90
CA ILE A 33 6.73 -6.78 -10.89
C ILE A 33 6.35 -8.25 -10.73
N LEU A 34 5.51 -8.53 -9.74
CA LEU A 34 5.06 -9.89 -9.48
C LEU A 34 4.48 -10.53 -10.73
N ILE A 35 3.52 -9.83 -11.34
CA ILE A 35 2.87 -10.33 -12.56
C ILE A 35 3.87 -10.44 -13.70
N LYS A 36 4.66 -9.39 -13.90
CA LYS A 36 5.67 -9.37 -14.96
C LYS A 36 6.71 -10.44 -14.73
N ARG A 37 6.79 -10.96 -13.50
CA ARG A 37 7.75 -12.00 -13.16
C ARG A 37 7.23 -13.37 -13.56
N ARG A 38 5.94 -13.59 -13.36
CA ARG A 38 5.31 -14.86 -13.70
C ARG A 38 4.93 -14.91 -15.18
N GLN A 39 4.25 -13.86 -15.64
CA GLN A 39 3.84 -13.78 -17.03
C GLN A 39 3.13 -15.06 -17.46
N GLN A 40 2.27 -15.58 -16.59
CA GLN A 40 1.54 -16.80 -16.87
C GLN A 40 0.03 -16.58 -16.71
N LYS A 41 -0.70 -16.71 -17.80
CA LYS A 41 -2.14 -16.53 -17.79
C LYS A 41 -2.76 -16.94 -19.12
N ILE A 42 -4.09 -17.06 -19.15
CA ILE A 42 -4.80 -17.45 -20.35
C ILE A 42 -4.63 -16.40 -21.45
N ARG A 43 -4.52 -16.86 -22.69
CA ARG A 43 -4.36 -15.97 -23.82
C ARG A 43 -5.67 -15.82 -24.60
N LYS A 44 -6.67 -15.28 -23.93
CA LYS A 44 -7.98 -15.08 -24.56
C LYS A 44 -8.29 -13.59 -24.70
N GLY B 1 24.59 6.18 -8.59
CA GLY B 1 24.99 7.52 -8.96
C GLY B 1 24.60 8.54 -7.90
N CYS B 2 25.20 8.43 -6.72
CA CYS B 2 24.92 9.35 -5.62
C CYS B 2 26.18 9.68 -4.84
N PRO B 3 26.17 10.82 -4.16
CA PRO B 3 27.32 11.29 -3.36
C PRO B 3 27.53 10.43 -2.12
N ALA B 4 28.44 10.87 -1.26
CA ALA B 4 28.75 10.15 -0.03
C ALA B 4 27.50 9.99 0.83
N GLU B 5 27.55 9.05 1.77
CA GLU B 5 26.42 8.79 2.66
C GLU B 5 26.04 10.06 3.42
N GLN B 6 24.87 10.61 3.09
CA GLN B 6 24.39 11.82 3.74
C GLN B 6 23.08 11.55 4.49
N ARG B 7 22.94 12.16 5.66
CA ARG B 7 21.74 11.98 6.47
C ARG B 7 20.63 12.91 6.00
N ALA B 8 19.46 12.80 6.63
CA ALA B 8 18.31 13.63 6.28
C ALA B 8 17.58 14.12 7.53
N SER B 9 16.66 15.05 7.34
CA SER B 9 15.89 15.60 8.45
C SER B 9 15.29 14.49 9.30
N PRO B 10 14.85 14.84 10.51
CA PRO B 10 14.25 13.89 11.45
C PRO B 10 12.89 13.39 10.99
N LEU B 11 12.34 14.05 9.96
CA LEU B 11 11.03 13.68 9.42
C LEU B 11 11.16 12.50 8.47
N THR B 12 12.27 12.45 7.72
CA THR B 12 12.51 11.38 6.77
C THR B 12 12.29 10.02 7.42
N SER B 13 12.58 9.93 8.72
CA SER B 13 12.43 8.69 9.46
C SER B 13 10.96 8.27 9.52
N ILE B 14 10.10 9.20 9.93
CA ILE B 14 8.67 8.93 10.03
C ILE B 14 8.09 8.51 8.68
N ILE B 15 8.50 9.22 7.63
CA ILE B 15 8.02 8.92 6.28
C ILE B 15 8.28 7.47 5.92
N SER B 16 9.53 7.04 6.06
CA SER B 16 9.92 5.67 5.74
C SER B 16 9.10 4.67 6.56
N ALA B 17 8.80 5.04 7.80
CA ALA B 17 8.03 4.19 8.69
C ALA B 17 6.63 3.96 8.14
N VAL B 18 5.88 5.04 7.94
CA VAL B 18 4.52 4.95 7.42
C VAL B 18 4.47 4.11 6.15
N VAL B 19 5.34 4.43 5.20
CA VAL B 19 5.40 3.71 3.94
C VAL B 19 5.45 2.20 4.17
N GLY B 20 6.46 1.75 4.90
CA GLY B 20 6.60 0.32 5.18
C GLY B 20 5.32 -0.28 5.73
N ILE B 21 4.80 0.32 6.80
CA ILE B 21 3.58 -0.17 7.43
C ILE B 21 2.42 -0.17 6.44
N LEU B 22 2.16 0.99 5.84
CA LEU B 22 1.08 1.14 4.87
C LEU B 22 1.14 0.03 3.82
N LEU B 23 2.26 -0.04 3.10
CA LEU B 23 2.44 -1.05 2.06
C LEU B 23 1.97 -2.41 2.55
N VAL B 24 2.51 -2.86 3.68
CA VAL B 24 2.14 -4.14 4.25
C VAL B 24 0.63 -4.26 4.40
N VAL B 25 0.02 -3.27 5.04
CA VAL B 25 -1.42 -3.26 5.25
C VAL B 25 -2.16 -3.26 3.93
N VAL B 26 -1.67 -2.49 2.97
CA VAL B 26 -2.29 -2.40 1.65
C VAL B 26 -2.53 -3.79 1.06
N LEU B 27 -1.45 -4.55 0.90
CA LEU B 27 -1.54 -5.89 0.35
C LEU B 27 -2.27 -6.83 1.30
N GLY B 28 -1.90 -6.77 2.58
CA GLY B 28 -2.53 -7.61 3.58
C GLY B 28 -4.03 -7.52 3.55
N VAL B 29 -4.56 -6.29 3.52
CA VAL B 29 -6.00 -6.07 3.49
C VAL B 29 -6.56 -6.34 2.10
N VAL B 30 -6.00 -5.69 1.09
CA VAL B 30 -6.45 -5.86 -0.28
C VAL B 30 -6.54 -7.34 -0.65
N PHE B 31 -5.54 -8.12 -0.23
CA PHE B 31 -5.52 -9.54 -0.51
C PHE B 31 -6.46 -10.30 0.42
N GLY B 32 -6.53 -9.86 1.67
CA GLY B 32 -7.39 -10.49 2.64
C GLY B 32 -8.83 -10.56 2.20
N ILE B 33 -9.35 -9.43 1.71
CA ILE B 33 -10.73 -9.36 1.24
C ILE B 33 -10.87 -10.00 -0.14
N LEU B 34 -10.00 -9.60 -1.06
CA LEU B 34 -10.02 -10.13 -2.41
C LEU B 34 -9.99 -11.65 -2.41
N ILE B 35 -9.02 -12.21 -1.70
CA ILE B 35 -8.87 -13.66 -1.61
C ILE B 35 -10.06 -14.28 -0.89
N LYS B 36 -10.44 -13.70 0.23
CA LYS B 36 -11.57 -14.20 1.01
C LYS B 36 -12.87 -14.09 0.21
N ARG B 37 -12.85 -13.29 -0.84
CA ARG B 37 -14.02 -13.10 -1.69
C ARG B 37 -14.12 -14.21 -2.72
N ARG B 38 -12.97 -14.60 -3.27
CA ARG B 38 -12.93 -15.65 -4.29
C ARG B 38 -12.91 -17.04 -3.63
N GLN B 39 -12.02 -17.21 -2.66
CA GLN B 39 -11.90 -18.48 -1.96
C GLN B 39 -11.77 -19.64 -2.95
N GLN B 40 -10.98 -19.42 -4.01
CA GLN B 40 -10.77 -20.44 -5.02
C GLN B 40 -9.28 -20.69 -5.24
N LYS B 41 -8.84 -21.91 -4.93
CA LYS B 41 -7.44 -22.27 -5.09
C LYS B 41 -7.26 -23.78 -4.91
N ILE B 42 -6.02 -24.24 -5.10
CA ILE B 42 -5.71 -25.65 -4.95
C ILE B 42 -6.11 -26.17 -3.58
N ARG B 43 -6.48 -27.45 -3.51
CA ARG B 43 -6.90 -28.06 -2.26
C ARG B 43 -5.73 -28.82 -1.62
N LYS B 44 -4.82 -28.08 -1.00
CA LYS B 44 -3.66 -28.68 -0.35
C LYS B 44 -3.79 -28.61 1.17
N GLY A 1 -8.83 11.49 26.11
CA GLY A 1 -9.55 12.70 26.48
C GLY A 1 -9.83 13.60 25.29
N CYS A 2 -11.06 13.54 24.80
CA CYS A 2 -11.45 14.34 23.65
C CYS A 2 -12.95 14.20 23.37
N PRO A 3 -13.77 14.81 24.24
CA PRO A 3 -15.23 14.77 24.12
C PRO A 3 -15.74 15.58 22.93
N ALA A 4 -15.73 14.97 21.75
CA ALA A 4 -16.19 15.63 20.54
C ALA A 4 -16.27 14.65 19.37
N GLU A 5 -16.69 15.15 18.22
CA GLU A 5 -16.82 14.31 17.03
C GLU A 5 -15.46 13.76 16.60
N GLN A 6 -15.45 13.03 15.49
CA GLN A 6 -14.22 12.44 14.97
C GLN A 6 -13.29 13.53 14.42
N ARG A 7 -12.52 14.14 15.31
CA ARG A 7 -11.59 15.20 14.91
C ARG A 7 -10.16 14.69 14.93
N ALA A 8 -9.43 14.93 13.83
CA ALA A 8 -8.05 14.50 13.72
C ALA A 8 -7.18 15.58 13.11
N SER A 9 -5.88 15.51 13.36
CA SER A 9 -4.94 16.50 12.83
C SER A 9 -5.12 16.67 11.32
N PRO A 10 -4.57 17.77 10.79
CA PRO A 10 -4.67 18.08 9.35
C PRO A 10 -3.83 17.13 8.51
N LEU A 11 -2.97 16.35 9.17
CA LEU A 11 -2.12 15.40 8.47
C LEU A 11 -2.90 14.14 8.09
N THR A 12 -3.94 13.85 8.86
CA THR A 12 -4.77 12.67 8.62
C THR A 12 -5.21 12.61 7.16
N SER A 13 -5.48 13.77 6.58
CA SER A 13 -5.92 13.85 5.18
C SER A 13 -4.90 13.19 4.26
N ILE A 14 -3.64 13.59 4.39
CA ILE A 14 -2.57 13.05 3.56
C ILE A 14 -2.43 11.54 3.77
N ILE A 15 -2.56 11.11 5.03
CA ILE A 15 -2.45 9.70 5.37
C ILE A 15 -3.42 8.86 4.55
N SER A 16 -4.70 9.21 4.62
CA SER A 16 -5.73 8.48 3.88
C SER A 16 -5.45 8.51 2.38
N ALA A 17 -4.93 9.64 1.91
CA ALA A 17 -4.61 9.79 0.49
C ALA A 17 -3.54 8.79 0.06
N VAL A 18 -2.39 8.84 0.73
CA VAL A 18 -1.30 7.93 0.41
C VAL A 18 -1.76 6.48 0.39
N VAL A 19 -2.43 6.07 1.46
CA VAL A 19 -2.93 4.71 1.57
C VAL A 19 -3.68 4.29 0.31
N GLY A 20 -4.74 5.04 -0.02
CA GLY A 20 -5.52 4.73 -1.20
C GLY A 20 -4.66 4.56 -2.44
N ILE A 21 -3.85 5.57 -2.74
CA ILE A 21 -2.96 5.51 -3.90
C ILE A 21 -2.03 4.31 -3.84
N LEU A 22 -1.29 4.20 -2.74
CA LEU A 22 -0.36 3.10 -2.55
C LEU A 22 -1.04 1.76 -2.84
N LEU A 23 -2.10 1.46 -2.08
CA LEU A 23 -2.82 0.21 -2.26
C LEU A 23 -3.03 -0.09 -3.75
N VAL A 24 -3.64 0.86 -4.46
CA VAL A 24 -3.90 0.70 -5.88
C VAL A 24 -2.63 0.31 -6.63
N VAL A 25 -1.57 1.08 -6.42
CA VAL A 25 -0.28 0.82 -7.08
C VAL A 25 0.26 -0.54 -6.68
N VAL A 26 0.12 -0.89 -5.40
CA VAL A 26 0.60 -2.17 -4.90
C VAL A 26 0.09 -3.33 -5.75
N LEU A 27 -1.23 -3.45 -5.84
CA LEU A 27 -1.85 -4.51 -6.63
C LEU A 27 -1.60 -4.30 -8.11
N GLY A 28 -1.80 -3.07 -8.59
CA GLY A 28 -1.59 -2.76 -9.98
C GLY A 28 -0.23 -3.21 -10.47
N VAL A 29 0.81 -2.89 -9.72
CA VAL A 29 2.18 -3.27 -10.08
C VAL A 29 2.43 -4.75 -9.80
N VAL A 30 2.18 -5.16 -8.56
CA VAL A 30 2.37 -6.55 -8.16
C VAL A 30 1.72 -7.50 -9.15
N PHE A 31 0.50 -7.16 -9.58
CA PHE A 31 -0.24 -7.98 -10.51
C PHE A 31 0.28 -7.79 -11.94
N GLY A 32 0.71 -6.57 -12.25
CA GLY A 32 1.23 -6.27 -13.58
C GLY A 32 2.40 -7.16 -13.94
N ILE A 33 3.36 -7.29 -13.03
CA ILE A 33 4.53 -8.12 -13.27
C ILE A 33 4.22 -9.60 -13.08
N LEU A 34 3.52 -9.92 -11.99
CA LEU A 34 3.15 -11.29 -11.69
C LEU A 34 2.34 -11.90 -12.83
N ILE A 35 1.39 -11.13 -13.35
CA ILE A 35 0.54 -11.59 -14.45
C ILE A 35 1.33 -11.67 -15.75
N LYS A 36 1.88 -10.54 -16.17
CA LYS A 36 2.67 -10.48 -17.40
C LYS A 36 3.74 -11.56 -17.42
N ARG A 37 4.19 -11.95 -16.22
CA ARG A 37 5.22 -12.97 -16.10
C ARG A 37 4.63 -14.37 -16.31
N ARG A 38 3.41 -14.56 -15.82
CA ARG A 38 2.74 -15.86 -15.94
C ARG A 38 2.49 -16.19 -17.40
N GLN A 39 2.34 -15.17 -18.23
CA GLN A 39 2.09 -15.35 -19.66
C GLN A 39 2.10 -14.01 -20.39
N GLN A 40 2.72 -14.00 -21.57
CA GLN A 40 2.80 -12.79 -22.37
C GLN A 40 3.38 -13.08 -23.75
N LYS A 41 3.21 -12.14 -24.68
CA LYS A 41 3.71 -12.30 -26.03
C LYS A 41 5.03 -11.58 -26.21
N ILE A 42 5.82 -11.53 -25.14
CA ILE A 42 7.11 -10.86 -25.18
C ILE A 42 8.10 -11.52 -24.22
N ARG A 43 9.33 -11.03 -24.21
CA ARG A 43 10.37 -11.56 -23.33
C ARG A 43 10.91 -10.49 -22.40
N LYS A 44 11.18 -10.87 -21.16
CA LYS A 44 11.72 -9.94 -20.17
C LYS A 44 13.22 -9.76 -20.35
N GLY B 1 19.54 20.84 -8.11
CA GLY B 1 20.75 21.39 -7.52
C GLY B 1 21.06 20.79 -6.16
N CYS B 2 21.99 19.85 -6.13
CA CYS B 2 22.38 19.20 -4.88
C CYS B 2 23.56 18.27 -5.09
N PRO B 3 24.75 18.86 -5.30
CA PRO B 3 25.99 18.09 -5.53
C PRO B 3 26.45 17.35 -4.28
N ALA B 4 25.87 16.18 -4.04
CA ALA B 4 26.23 15.38 -2.87
C ALA B 4 25.59 13.99 -2.94
N GLU B 5 25.87 13.16 -1.95
CA GLU B 5 25.33 11.81 -1.90
C GLU B 5 23.82 11.84 -1.76
N GLN B 6 23.22 10.66 -1.64
CA GLN B 6 21.77 10.55 -1.50
C GLN B 6 21.32 11.04 -0.13
N ARG B 7 21.15 12.36 -0.01
CA ARG B 7 20.72 12.96 1.25
C ARG B 7 19.27 13.40 1.17
N ALA B 8 18.47 12.98 2.15
CA ALA B 8 17.06 13.34 2.20
C ALA B 8 16.61 13.66 3.62
N SER B 9 15.52 14.40 3.74
CA SER B 9 15.00 14.79 5.05
C SER B 9 14.84 13.57 5.95
N PRO B 10 14.71 13.82 7.26
CA PRO B 10 14.55 12.75 8.26
C PRO B 10 13.20 12.05 8.15
N LEU B 11 12.30 12.64 7.37
CA LEU B 11 10.96 12.07 7.18
C LEU B 11 11.00 10.93 6.17
N THR B 12 11.98 10.98 5.27
CA THR B 12 12.11 9.95 4.25
C THR B 12 12.11 8.55 4.86
N SER B 13 12.69 8.43 6.05
CA SER B 13 12.75 7.15 6.74
C SER B 13 11.35 6.59 6.95
N ILE B 14 10.47 7.39 7.54
CA ILE B 14 9.10 6.97 7.79
C ILE B 14 8.39 6.61 6.50
N ILE B 15 8.62 7.39 5.46
CA ILE B 15 8.00 7.15 4.15
C ILE B 15 8.27 5.73 3.68
N SER B 16 9.55 5.36 3.60
CA SER B 16 9.94 4.04 3.16
C SER B 16 9.33 2.96 4.05
N ALA B 17 9.25 3.25 5.34
CA ALA B 17 8.69 2.32 6.30
C ALA B 17 7.22 2.03 6.00
N VAL B 18 6.42 3.08 5.96
CA VAL B 18 4.99 2.95 5.68
C VAL B 18 4.76 2.15 4.40
N VAL B 19 5.43 2.55 3.33
CA VAL B 19 5.30 1.88 2.04
C VAL B 19 5.45 0.37 2.20
N GLY B 20 6.60 -0.06 2.71
CA GLY B 20 6.85 -1.47 2.90
C GLY B 20 5.72 -2.17 3.64
N ILE B 21 5.38 -1.64 4.82
CA ILE B 21 4.30 -2.23 5.61
C ILE B 21 2.99 -2.24 4.85
N LEU B 22 2.58 -1.09 4.35
CA LEU B 22 1.34 -0.97 3.60
C LEU B 22 1.27 -2.03 2.50
N LEU B 23 2.24 -2.01 1.60
CA LEU B 23 2.29 -2.97 0.50
C LEU B 23 1.97 -4.38 1.00
N VAL B 24 2.73 -4.84 1.99
CA VAL B 24 2.52 -6.16 2.57
C VAL B 24 1.06 -6.36 2.97
N VAL B 25 0.53 -5.42 3.75
CA VAL B 25 -0.84 -5.50 4.21
C VAL B 25 -1.82 -5.49 3.04
N VAL B 26 -1.52 -4.66 2.04
CA VAL B 26 -2.37 -4.57 0.85
C VAL B 26 -2.65 -5.94 0.25
N LEU B 27 -1.58 -6.63 -0.13
CA LEU B 27 -1.71 -7.97 -0.71
C LEU B 27 -2.21 -8.97 0.32
N GLY B 28 -1.61 -8.94 1.51
CA GLY B 28 -2.01 -9.84 2.57
C GLY B 28 -3.51 -9.83 2.80
N VAL B 29 -4.08 -8.63 2.91
CA VAL B 29 -5.51 -8.48 3.15
C VAL B 29 -6.30 -8.74 1.87
N VAL B 30 -5.96 -8.02 0.80
CA VAL B 30 -6.63 -8.17 -0.47
C VAL B 30 -6.73 -9.64 -0.88
N PHE B 31 -5.64 -10.38 -0.67
CA PHE B 31 -5.60 -11.79 -1.01
C PHE B 31 -6.32 -12.62 0.03
N GLY B 32 -6.20 -12.22 1.30
CA GLY B 32 -6.85 -12.94 2.38
C GLY B 32 -8.34 -13.08 2.18
N ILE B 33 -8.98 -11.98 1.81
CA ILE B 33 -10.43 -11.98 1.58
C ILE B 33 -10.76 -12.56 0.21
N LEU B 34 -10.09 -12.06 -0.83
CA LEU B 34 -10.32 -12.53 -2.18
C LEU B 34 -10.20 -14.04 -2.26
N ILE B 35 -9.12 -14.58 -1.69
CA ILE B 35 -8.89 -16.02 -1.69
C ILE B 35 -9.91 -16.74 -0.81
N LYS B 36 -10.07 -16.26 0.42
CA LYS B 36 -11.01 -16.86 1.35
C LYS B 36 -12.40 -16.98 0.73
N ARG B 37 -12.72 -16.05 -0.16
CA ARG B 37 -14.01 -16.06 -0.83
C ARG B 37 -14.04 -17.06 -1.98
N ARG B 38 -12.90 -17.21 -2.65
CA ARG B 38 -12.78 -18.14 -3.77
C ARG B 38 -13.04 -19.57 -3.31
N GLN B 39 -12.80 -19.84 -2.03
CA GLN B 39 -13.00 -21.17 -1.47
C GLN B 39 -12.82 -21.15 0.05
N GLN B 40 -13.70 -21.86 0.75
CA GLN B 40 -13.64 -21.92 2.21
C GLN B 40 -14.63 -22.95 2.75
N LYS B 41 -14.46 -23.32 4.01
CA LYS B 41 -15.35 -24.28 4.65
C LYS B 41 -16.44 -23.57 5.45
N ILE B 42 -16.86 -22.41 4.96
CA ILE B 42 -17.90 -21.64 5.63
C ILE B 42 -18.75 -20.86 4.62
N ARG B 43 -19.76 -20.16 5.12
CA ARG B 43 -20.64 -19.38 4.26
C ARG B 43 -20.64 -17.91 4.69
N LYS B 44 -20.68 -17.02 3.71
CA LYS B 44 -20.69 -15.58 3.97
C LYS B 44 -22.10 -15.11 4.33
N GLY A 1 -9.97 -2.73 16.76
CA GLY A 1 -10.36 -1.85 15.67
C GLY A 1 -11.75 -1.29 15.86
N CYS A 2 -11.83 -0.01 16.24
CA CYS A 2 -13.12 0.64 16.46
C CYS A 2 -13.07 2.09 15.98
N PRO A 3 -13.02 2.28 14.66
CA PRO A 3 -12.97 3.61 14.04
C PRO A 3 -14.29 4.37 14.21
N ALA A 4 -14.20 5.70 14.17
CA ALA A 4 -15.39 6.54 14.31
C ALA A 4 -15.09 7.99 13.93
N GLU A 5 -16.13 8.76 13.71
CA GLU A 5 -15.97 10.17 13.34
C GLU A 5 -15.46 10.98 14.52
N GLN A 6 -14.30 11.60 14.35
CA GLN A 6 -13.71 12.42 15.40
C GLN A 6 -12.77 13.48 14.81
N ARG A 7 -12.66 14.61 15.50
CA ARG A 7 -11.81 15.70 15.05
C ARG A 7 -10.34 15.41 15.36
N ALA A 8 -9.48 15.59 14.35
CA ALA A 8 -8.06 15.35 14.53
C ALA A 8 -7.23 16.46 13.86
N SER A 9 -5.93 16.45 14.13
CA SER A 9 -5.03 17.46 13.57
C SER A 9 -5.22 17.56 12.06
N PRO A 10 -4.71 18.66 11.48
CA PRO A 10 -4.81 18.91 10.04
C PRO A 10 -3.94 17.95 9.22
N LEU A 11 -3.07 17.23 9.91
CA LEU A 11 -2.18 16.27 9.24
C LEU A 11 -2.91 14.97 8.94
N THR A 12 -3.88 14.64 9.78
CA THR A 12 -4.66 13.41 9.60
C THR A 12 -5.20 13.31 8.18
N SER A 13 -5.55 14.46 7.61
CA SER A 13 -6.09 14.50 6.25
C SER A 13 -5.09 13.91 5.25
N ILE A 14 -3.85 14.39 5.32
CA ILE A 14 -2.81 13.92 4.42
C ILE A 14 -2.57 12.42 4.60
N ILE A 15 -2.57 11.97 5.85
CA ILE A 15 -2.35 10.56 6.15
C ILE A 15 -3.34 9.68 5.40
N SER A 16 -4.63 9.97 5.58
CA SER A 16 -5.68 9.20 4.92
C SER A 16 -5.51 9.23 3.41
N ALA A 17 -5.09 10.38 2.89
CA ALA A 17 -4.89 10.55 1.46
C ALA A 17 -3.82 9.59 0.94
N VAL A 18 -2.61 9.70 1.51
CA VAL A 18 -1.51 8.85 1.10
C VAL A 18 -1.91 7.37 1.12
N VAL A 19 -2.48 6.94 2.24
CA VAL A 19 -2.91 5.55 2.38
C VAL A 19 -3.73 5.11 1.18
N GLY A 20 -4.84 5.79 0.95
CA GLY A 20 -5.71 5.45 -0.18
C GLY A 20 -4.93 5.32 -1.47
N ILE A 21 -4.19 6.36 -1.83
CA ILE A 21 -3.40 6.34 -3.06
C ILE A 21 -2.42 5.18 -3.07
N LEU A 22 -1.59 5.10 -2.03
CA LEU A 22 -0.60 4.05 -1.92
C LEU A 22 -1.23 2.68 -2.15
N LEU A 23 -2.22 2.34 -1.33
CA LEU A 23 -2.91 1.06 -1.45
C LEU A 23 -3.21 0.74 -2.91
N VAL A 24 -3.92 1.66 -3.57
CA VAL A 24 -4.27 1.48 -4.98
C VAL A 24 -3.05 1.15 -5.82
N VAL A 25 -2.00 1.97 -5.69
CA VAL A 25 -0.78 1.76 -6.44
C VAL A 25 -0.13 0.43 -6.09
N VAL A 26 -0.17 0.08 -4.80
CA VAL A 26 0.40 -1.18 -4.33
C VAL A 26 -0.12 -2.36 -5.14
N LEU A 27 -1.43 -2.54 -5.15
CA LEU A 27 -2.05 -3.63 -5.89
C LEU A 27 -1.90 -3.44 -7.39
N GLY A 28 -2.19 -2.22 -7.86
CA GLY A 28 -2.07 -1.91 -9.27
C GLY A 28 -0.71 -2.31 -9.83
N VAL A 29 0.34 -1.93 -9.13
CA VAL A 29 1.70 -2.23 -9.57
C VAL A 29 2.05 -3.69 -9.30
N VAL A 30 1.88 -4.11 -8.04
CA VAL A 30 2.17 -5.49 -7.65
C VAL A 30 1.51 -6.48 -8.61
N PHE A 31 0.26 -6.21 -8.96
CA PHE A 31 -0.49 -7.08 -9.86
C PHE A 31 -0.06 -6.86 -11.31
N GLY A 32 0.15 -5.60 -11.68
CA GLY A 32 0.56 -5.29 -13.03
C GLY A 32 1.80 -6.05 -13.45
N ILE A 33 2.82 -6.05 -12.60
CA ILE A 33 4.06 -6.74 -12.89
C ILE A 33 3.90 -8.25 -12.73
N LEU A 34 3.35 -8.67 -11.59
CA LEU A 34 3.13 -10.08 -11.32
C LEU A 34 2.39 -10.75 -12.47
N ILE A 35 1.20 -10.23 -12.78
CA ILE A 35 0.39 -10.78 -13.86
C ILE A 35 1.13 -10.70 -15.19
N LYS A 36 1.69 -9.54 -15.50
CA LYS A 36 2.42 -9.35 -16.73
C LYS A 36 3.46 -10.46 -16.93
N ARG A 37 4.30 -10.66 -15.92
CA ARG A 37 5.33 -11.69 -15.99
C ARG A 37 4.72 -13.07 -16.21
N ARG A 38 3.59 -13.31 -15.55
CA ARG A 38 2.89 -14.59 -15.68
C ARG A 38 2.39 -14.81 -17.10
N GLN A 39 1.75 -13.79 -17.65
CA GLN A 39 1.21 -13.86 -19.01
C GLN A 39 2.30 -14.23 -20.00
N GLN A 40 1.92 -14.44 -21.25
CA GLN A 40 2.87 -14.80 -22.30
C GLN A 40 3.41 -13.56 -23.00
N LYS A 41 4.67 -13.24 -22.72
CA LYS A 41 5.31 -12.07 -23.33
C LYS A 41 6.75 -12.38 -23.72
N ILE A 42 7.36 -11.48 -24.48
CA ILE A 42 8.73 -11.66 -24.92
C ILE A 42 9.53 -10.35 -24.78
N ARG A 43 10.66 -10.43 -24.09
CA ARG A 43 11.50 -9.26 -23.89
C ARG A 43 12.18 -8.85 -25.19
N LYS A 44 12.79 -7.66 -25.19
CA LYS A 44 13.48 -7.16 -26.38
C LYS A 44 14.98 -7.40 -26.29
N GLY B 1 12.95 7.14 -14.79
CA GLY B 1 13.30 6.52 -13.53
C GLY B 1 14.79 6.31 -13.37
N CYS B 2 15.43 7.15 -12.56
CA CYS B 2 16.87 7.04 -12.32
C CYS B 2 17.21 7.35 -10.87
N PRO B 3 16.84 6.43 -9.97
CA PRO B 3 17.10 6.57 -8.53
C PRO B 3 18.58 6.46 -8.19
N ALA B 4 18.98 7.08 -7.09
CA ALA B 4 20.36 7.05 -6.65
C ALA B 4 20.51 7.55 -5.22
N GLU B 5 21.65 7.28 -4.61
CA GLU B 5 21.91 7.71 -3.23
C GLU B 5 22.07 9.22 -3.16
N GLN B 6 21.22 9.86 -2.35
CA GLN B 6 21.26 11.31 -2.20
C GLN B 6 20.73 11.72 -0.82
N ARG B 7 21.25 12.82 -0.30
CA ARG B 7 20.84 13.32 1.00
C ARG B 7 19.52 14.08 0.90
N ALA B 8 18.59 13.77 1.80
CA ALA B 8 17.29 14.42 1.81
C ALA B 8 16.87 14.79 3.23
N SER B 9 15.81 15.58 3.34
CA SER B 9 15.31 16.00 4.64
C SER B 9 15.12 14.81 5.57
N PRO B 10 15.00 15.10 6.88
CA PRO B 10 14.81 14.06 7.90
C PRO B 10 13.44 13.40 7.81
N LEU B 11 12.56 14.00 7.02
CA LEU B 11 11.21 13.46 6.86
C LEU B 11 11.20 12.32 5.84
N THR B 12 12.10 12.40 4.86
CA THR B 12 12.19 11.38 3.83
C THR B 12 12.27 9.98 4.43
N SER B 13 12.93 9.88 5.58
CA SER B 13 13.08 8.61 6.26
C SER B 13 11.72 8.01 6.60
N ILE B 14 10.86 8.81 7.22
CA ILE B 14 9.53 8.36 7.60
C ILE B 14 8.72 7.96 6.37
N ILE B 15 8.83 8.75 5.31
CA ILE B 15 8.10 8.47 4.08
C ILE B 15 8.39 7.06 3.58
N SER B 16 9.67 6.76 3.39
CA SER B 16 10.08 5.44 2.92
C SER B 16 9.59 4.35 3.85
N ALA B 17 9.61 4.64 5.15
CA ALA B 17 9.16 3.68 6.16
C ALA B 17 7.69 3.33 5.97
N VAL B 18 6.84 4.35 6.00
CA VAL B 18 5.40 4.14 5.84
C VAL B 18 5.10 3.33 4.58
N VAL B 19 5.66 3.76 3.46
CA VAL B 19 5.45 3.07 2.19
C VAL B 19 5.68 1.58 2.33
N GLY B 20 6.90 1.21 2.75
CA GLY B 20 7.21 -0.20 2.91
C GLY B 20 6.17 -0.94 3.75
N ILE B 21 5.91 -0.43 4.94
CA ILE B 21 4.93 -1.05 5.83
C ILE B 21 3.55 -1.13 5.17
N LEU B 22 3.06 0.03 4.72
CA LEU B 22 1.76 0.09 4.07
C LEU B 22 1.64 -0.99 2.98
N LEU B 23 2.54 -0.92 1.99
CA LEU B 23 2.53 -1.88 0.90
C LEU B 23 2.31 -3.30 1.42
N VAL B 24 3.16 -3.72 2.34
CA VAL B 24 3.06 -5.06 2.93
C VAL B 24 1.66 -5.32 3.46
N VAL B 25 1.15 -4.40 4.27
CA VAL B 25 -0.18 -4.53 4.85
C VAL B 25 -1.25 -4.56 3.75
N VAL B 26 -1.07 -3.72 2.74
CA VAL B 26 -2.01 -3.64 1.63
C VAL B 26 -2.29 -5.03 1.06
N LEU B 27 -1.24 -5.68 0.58
CA LEU B 27 -1.37 -7.02 0.00
C LEU B 27 -1.75 -8.05 1.07
N GLY B 28 -1.06 -8.00 2.21
CA GLY B 28 -1.34 -8.91 3.29
C GLY B 28 -2.82 -8.96 3.64
N VAL B 29 -3.42 -7.78 3.79
CA VAL B 29 -4.84 -7.69 4.13
C VAL B 29 -5.71 -7.95 2.91
N VAL B 30 -5.47 -7.20 1.85
CA VAL B 30 -6.25 -7.35 0.62
C VAL B 30 -6.33 -8.81 0.19
N PHE B 31 -5.21 -9.53 0.36
CA PHE B 31 -5.15 -10.93 -0.01
C PHE B 31 -5.87 -11.80 1.03
N GLY B 32 -5.65 -11.49 2.30
CA GLY B 32 -6.29 -12.25 3.37
C GLY B 32 -7.78 -12.36 3.18
N ILE B 33 -8.44 -11.23 2.94
CA ILE B 33 -9.88 -11.21 2.75
C ILE B 33 -10.27 -11.79 1.40
N LEU B 34 -9.64 -11.27 0.34
CA LEU B 34 -9.91 -11.74 -1.01
C LEU B 34 -9.82 -13.27 -1.10
N ILE B 35 -8.64 -13.80 -0.80
CA ILE B 35 -8.43 -15.24 -0.83
C ILE B 35 -9.40 -15.96 0.07
N LYS B 36 -9.57 -15.45 1.30
CA LYS B 36 -10.48 -16.05 2.26
C LYS B 36 -11.87 -16.26 1.65
N ARG B 37 -12.44 -15.18 1.14
CA ARG B 37 -13.77 -15.24 0.52
C ARG B 37 -13.81 -16.31 -0.56
N ARG B 38 -12.74 -16.40 -1.34
CA ARG B 38 -12.65 -17.39 -2.41
C ARG B 38 -12.68 -18.81 -1.86
N GLN B 39 -11.89 -19.05 -0.82
CA GLN B 39 -11.83 -20.37 -0.20
C GLN B 39 -13.22 -20.83 0.24
N GLN B 40 -13.29 -22.05 0.75
CA GLN B 40 -14.56 -22.61 1.20
C GLN B 40 -14.82 -22.27 2.67
N LYS B 41 -15.76 -21.36 2.90
CA LYS B 41 -16.10 -20.95 4.26
C LYS B 41 -17.61 -20.76 4.40
N ILE B 42 -18.07 -20.65 5.65
CA ILE B 42 -19.48 -20.48 5.93
C ILE B 42 -19.69 -19.45 7.03
N ARG B 43 -20.50 -18.43 6.74
CA ARG B 43 -20.79 -17.38 7.71
C ARG B 43 -21.70 -17.90 8.81
N LYS B 44 -21.87 -17.10 9.86
CA LYS B 44 -22.72 -17.47 10.99
C LYS B 44 -24.10 -16.86 10.86
N GLY A 1 -14.58 19.14 30.20
CA GLY A 1 -14.72 20.56 30.41
C GLY A 1 -14.64 21.34 29.11
N CYS A 2 -13.48 21.35 28.48
CA CYS A 2 -13.28 22.07 27.23
C CYS A 2 -14.32 21.65 26.20
N PRO A 3 -14.51 22.51 25.17
CA PRO A 3 -15.47 22.25 24.10
C PRO A 3 -15.05 21.10 23.20
N ALA A 4 -16.00 20.61 22.40
CA ALA A 4 -15.72 19.51 21.49
C ALA A 4 -14.42 19.72 20.73
N GLU A 5 -13.38 18.99 21.12
CA GLU A 5 -12.08 19.10 20.48
C GLU A 5 -11.95 18.11 19.33
N GLN A 6 -11.00 18.37 18.44
CA GLN A 6 -10.77 17.50 17.29
C GLN A 6 -10.46 16.07 17.74
N ARG A 7 -10.67 15.11 16.85
CA ARG A 7 -10.43 13.71 17.16
C ARG A 7 -8.95 13.37 16.97
N ALA A 8 -8.30 14.08 16.06
CA ALA A 8 -6.89 13.85 15.78
C ALA A 8 -6.25 15.09 15.16
N SER A 9 -4.92 15.12 15.14
CA SER A 9 -4.18 16.24 14.58
C SER A 9 -4.67 16.56 13.17
N PRO A 10 -4.35 17.77 12.69
CA PRO A 10 -4.74 18.23 11.36
C PRO A 10 -4.00 17.49 10.25
N LEU A 11 -2.93 16.79 10.62
CA LEU A 11 -2.14 16.04 9.65
C LEU A 11 -2.87 14.77 9.22
N THR A 12 -3.86 14.36 10.02
CA THR A 12 -4.63 13.16 9.72
C THR A 12 -5.11 13.16 8.28
N SER A 13 -5.52 14.33 7.79
CA SER A 13 -5.99 14.46 6.42
C SER A 13 -4.99 13.87 5.43
N ILE A 14 -3.75 14.32 5.52
CA ILE A 14 -2.70 13.84 4.63
C ILE A 14 -2.49 12.34 4.79
N ILE A 15 -2.52 11.87 6.04
CA ILE A 15 -2.34 10.46 6.33
C ILE A 15 -3.30 9.60 5.51
N SER A 16 -4.59 9.86 5.65
CA SER A 16 -5.62 9.11 4.93
C SER A 16 -5.38 9.22 3.43
N ALA A 17 -4.96 10.39 2.97
CA ALA A 17 -4.70 10.61 1.56
C ALA A 17 -3.61 9.68 1.03
N VAL A 18 -2.44 9.75 1.65
CA VAL A 18 -1.31 8.92 1.25
C VAL A 18 -1.72 7.45 1.20
N VAL A 19 -2.33 6.97 2.28
CA VAL A 19 -2.77 5.57 2.35
C VAL A 19 -3.55 5.18 1.11
N GLY A 20 -4.65 5.87 0.85
CA GLY A 20 -5.47 5.58 -0.31
C GLY A 20 -4.65 5.49 -1.59
N ILE A 21 -3.89 6.54 -1.87
CA ILE A 21 -3.05 6.58 -3.07
C ILE A 21 -2.06 5.41 -3.08
N LEU A 22 -1.28 5.30 -2.02
CA LEU A 22 -0.29 4.23 -1.91
C LEU A 22 -0.92 2.87 -2.22
N LEU A 23 -1.93 2.50 -1.45
CA LEU A 23 -2.62 1.23 -1.64
C LEU A 23 -2.87 0.97 -3.12
N VAL A 24 -3.54 1.92 -3.78
CA VAL A 24 -3.85 1.80 -5.20
C VAL A 24 -2.59 1.49 -6.00
N VAL A 25 -1.55 2.29 -5.82
CA VAL A 25 -0.30 2.10 -6.52
C VAL A 25 0.33 0.76 -6.19
N VAL A 26 0.24 0.37 -4.92
CA VAL A 26 0.79 -0.91 -4.47
C VAL A 26 0.30 -2.06 -5.34
N LEU A 27 -1.01 -2.24 -5.39
CA LEU A 27 -1.62 -3.31 -6.19
C LEU A 27 -1.39 -3.05 -7.68
N GLY A 28 -1.67 -1.83 -8.12
CA GLY A 28 -1.49 -1.49 -9.51
C GLY A 28 -0.11 -1.86 -10.04
N VAL A 29 0.93 -1.50 -9.28
CA VAL A 29 2.30 -1.80 -9.67
C VAL A 29 2.63 -3.27 -9.42
N VAL A 30 2.42 -3.72 -8.19
CA VAL A 30 2.69 -5.10 -7.83
C VAL A 30 2.07 -6.07 -8.83
N PHE A 31 0.84 -5.78 -9.23
CA PHE A 31 0.13 -6.63 -10.18
C PHE A 31 0.64 -6.39 -11.60
N GLY A 32 0.82 -5.12 -11.96
CA GLY A 32 1.29 -4.79 -13.29
C GLY A 32 2.57 -5.52 -13.65
N ILE A 33 3.54 -5.50 -12.74
CA ILE A 33 4.82 -6.18 -12.97
C ILE A 33 4.66 -7.69 -12.87
N LEU A 34 4.08 -8.14 -11.77
CA LEU A 34 3.87 -9.57 -11.55
C LEU A 34 3.18 -10.21 -12.76
N ILE A 35 1.97 -9.75 -13.06
CA ILE A 35 1.22 -10.27 -14.19
C ILE A 35 2.02 -10.17 -15.49
N LYS A 36 2.60 -9.00 -15.74
CA LYS A 36 3.39 -8.78 -16.94
C LYS A 36 4.56 -9.76 -17.00
N ARG A 37 4.99 -10.23 -15.84
CA ARG A 37 6.10 -11.17 -15.75
C ARG A 37 5.63 -12.59 -16.03
N ARG A 38 4.39 -12.88 -15.66
CA ARG A 38 3.82 -14.21 -15.87
C ARG A 38 3.76 -14.55 -17.35
N GLN A 39 3.24 -13.62 -18.14
CA GLN A 39 3.12 -13.82 -19.58
C GLN A 39 4.49 -14.07 -20.21
N GLN A 40 4.62 -15.20 -20.90
CA GLN A 40 5.88 -15.55 -21.54
C GLN A 40 5.73 -16.84 -22.36
N LYS A 41 6.77 -17.17 -23.12
CA LYS A 41 6.75 -18.37 -23.95
C LYS A 41 7.20 -19.59 -23.14
N ILE A 42 6.53 -20.72 -23.36
CA ILE A 42 6.87 -21.94 -22.66
C ILE A 42 6.46 -23.17 -23.47
N ARG A 43 7.25 -24.23 -23.38
CA ARG A 43 6.97 -25.46 -24.10
C ARG A 43 6.50 -26.56 -23.15
N LYS A 44 5.23 -26.94 -23.29
CA LYS A 44 4.65 -27.97 -22.44
C LYS A 44 3.30 -28.44 -23.00
N GLY B 1 23.00 25.76 4.41
CA GLY B 1 24.15 26.63 4.52
C GLY B 1 25.46 25.87 4.48
N CYS B 2 25.71 25.07 5.50
CA CYS B 2 26.94 24.28 5.58
C CYS B 2 27.12 23.43 4.33
N PRO B 3 28.36 22.99 4.08
CA PRO B 3 28.70 22.16 2.93
C PRO B 3 28.11 20.76 3.03
N ALA B 4 28.01 20.08 1.89
CA ALA B 4 27.47 18.73 1.85
C ALA B 4 26.19 18.62 2.67
N GLU B 5 25.06 18.97 2.06
CA GLU B 5 23.77 18.92 2.73
C GLU B 5 23.00 17.66 2.34
N GLN B 6 22.05 17.28 3.18
CA GLN B 6 21.24 16.09 2.92
C GLN B 6 20.54 16.19 1.58
N ARG B 7 20.10 15.05 1.06
CA ARG B 7 19.40 15.01 -0.22
C ARG B 7 17.94 15.42 -0.06
N ALA B 8 17.39 15.19 1.13
CA ALA B 8 16.01 15.54 1.42
C ALA B 8 15.80 15.78 2.91
N SER B 9 14.64 16.34 3.25
CA SER B 9 14.32 16.62 4.65
C SER B 9 14.52 15.39 5.51
N PRO B 10 14.61 15.61 6.83
CA PRO B 10 14.79 14.52 7.80
C PRO B 10 13.56 13.63 7.93
N LEU B 11 12.43 14.11 7.42
CA LEU B 11 11.18 13.37 7.47
C LEU B 11 11.18 12.22 6.46
N THR B 12 12.07 12.31 5.49
CA THR B 12 12.19 11.29 4.47
C THR B 12 12.24 9.89 5.08
N SER B 13 12.96 9.77 6.19
CA SER B 13 13.09 8.49 6.88
C SER B 13 11.72 7.87 7.14
N ILE B 14 10.85 8.63 7.77
CA ILE B 14 9.50 8.16 8.07
C ILE B 14 8.73 7.80 6.80
N ILE B 15 8.89 8.63 5.78
CA ILE B 15 8.22 8.41 4.51
C ILE B 15 8.50 7.00 3.98
N SER B 16 9.78 6.70 3.80
CA SER B 16 10.19 5.39 3.30
C SER B 16 9.65 4.27 4.19
N ALA B 17 9.65 4.52 5.50
CA ALA B 17 9.17 3.55 6.46
C ALA B 17 7.71 3.21 6.22
N VAL B 18 6.85 4.23 6.26
CA VAL B 18 5.42 4.04 6.05
C VAL B 18 5.16 3.27 4.75
N VAL B 19 5.77 3.73 3.66
CA VAL B 19 5.60 3.08 2.36
C VAL B 19 5.81 1.57 2.47
N GLY B 20 7.01 1.18 2.90
CA GLY B 20 7.32 -0.24 3.04
C GLY B 20 6.24 -0.99 3.81
N ILE B 21 5.94 -0.50 5.01
CA ILE B 21 4.92 -1.15 5.84
C ILE B 21 3.58 -1.19 5.14
N LEU B 22 3.11 -0.04 4.70
CA LEU B 22 1.83 0.05 4.00
C LEU B 22 1.74 -0.99 2.88
N LEU B 23 2.67 -0.89 1.93
CA LEU B 23 2.71 -1.83 0.82
C LEU B 23 2.46 -3.26 1.28
N VAL B 24 3.27 -3.71 2.23
CA VAL B 24 3.14 -5.06 2.76
C VAL B 24 1.71 -5.33 3.23
N VAL B 25 1.19 -4.44 4.05
CA VAL B 25 -0.18 -4.58 4.56
C VAL B 25 -1.20 -4.56 3.43
N VAL B 26 -0.97 -3.70 2.44
CA VAL B 26 -1.86 -3.58 1.29
C VAL B 26 -2.12 -4.94 0.66
N LEU B 27 -1.05 -5.60 0.21
CA LEU B 27 -1.15 -6.90 -0.41
C LEU B 27 -1.62 -7.96 0.60
N GLY B 28 -0.98 -7.97 1.76
CA GLY B 28 -1.34 -8.92 2.80
C GLY B 28 -2.83 -8.93 3.09
N VAL B 29 -3.40 -7.74 3.25
CA VAL B 29 -4.83 -7.61 3.54
C VAL B 29 -5.66 -7.84 2.28
N VAL B 30 -5.36 -7.07 1.23
CA VAL B 30 -6.08 -7.19 -0.02
C VAL B 30 -6.17 -8.64 -0.48
N PHE B 31 -5.07 -9.37 -0.34
CA PHE B 31 -5.03 -10.77 -0.72
C PHE B 31 -5.73 -11.65 0.31
N GLY B 32 -5.45 -11.39 1.58
CA GLY B 32 -6.06 -12.16 2.64
C GLY B 32 -7.57 -12.22 2.53
N ILE B 33 -8.19 -11.06 2.33
CA ILE B 33 -9.64 -10.99 2.19
C ILE B 33 -10.10 -11.55 0.86
N LEU B 34 -9.51 -11.05 -0.22
CA LEU B 34 -9.86 -11.50 -1.56
C LEU B 34 -9.81 -13.02 -1.66
N ILE B 35 -8.63 -13.59 -1.41
CA ILE B 35 -8.46 -15.04 -1.46
C ILE B 35 -9.46 -15.74 -0.55
N LYS B 36 -9.53 -15.28 0.70
CA LYS B 36 -10.44 -15.86 1.68
C LYS B 36 -11.88 -15.81 1.18
N ARG B 37 -12.16 -14.84 0.33
CA ARG B 37 -13.51 -14.67 -0.22
C ARG B 37 -13.74 -15.65 -1.38
N ARG B 38 -12.68 -15.95 -2.12
CA ARG B 38 -12.77 -16.85 -3.25
C ARG B 38 -13.22 -18.24 -2.81
N GLN B 39 -12.59 -18.76 -1.75
CA GLN B 39 -12.93 -20.08 -1.24
C GLN B 39 -14.39 -20.12 -0.77
N GLN B 40 -15.15 -21.06 -1.33
CA GLN B 40 -16.56 -21.21 -0.98
C GLN B 40 -17.16 -22.42 -1.67
N LYS B 41 -18.41 -22.73 -1.34
CA LYS B 41 -19.10 -23.87 -1.92
C LYS B 41 -19.73 -23.49 -3.26
N ILE B 42 -19.67 -24.42 -4.21
CA ILE B 42 -20.24 -24.18 -5.54
C ILE B 42 -20.64 -25.49 -6.20
N ARG B 43 -21.72 -25.45 -6.98
CA ARG B 43 -22.20 -26.63 -7.68
C ARG B 43 -21.92 -26.54 -9.18
N LYS B 44 -21.04 -27.41 -9.66
CA LYS B 44 -20.68 -27.44 -11.08
C LYS B 44 -19.92 -28.70 -11.42
N GLY A 1 -18.08 5.19 27.17
CA GLY A 1 -18.02 3.84 26.66
C GLY A 1 -17.76 3.78 25.18
N CYS A 2 -18.77 4.10 24.39
CA CYS A 2 -18.65 4.09 22.93
C CYS A 2 -19.22 5.37 22.32
N PRO A 3 -18.48 6.48 22.50
CA PRO A 3 -18.89 7.79 21.98
C PRO A 3 -18.80 7.86 20.46
N ALA A 4 -19.09 9.03 19.90
CA ALA A 4 -19.05 9.23 18.45
C ALA A 4 -17.62 9.42 17.98
N GLU A 5 -17.47 9.86 16.74
CA GLU A 5 -16.15 10.09 16.15
C GLU A 5 -15.59 11.45 16.58
N GLN A 6 -14.57 11.40 17.44
CA GLN A 6 -13.95 12.63 17.94
C GLN A 6 -13.14 13.31 16.83
N ARG A 7 -13.16 14.64 16.82
CA ARG A 7 -12.44 15.41 15.82
C ARG A 7 -10.93 15.29 16.04
N ALA A 8 -10.17 15.32 14.95
CA ALA A 8 -8.72 15.22 15.03
C ALA A 8 -8.06 16.38 14.29
N SER A 9 -6.76 16.56 14.52
CA SER A 9 -6.00 17.63 13.88
C SER A 9 -6.26 17.66 12.38
N PRO A 10 -5.87 18.77 11.74
CA PRO A 10 -6.06 18.95 10.30
C PRO A 10 -5.14 18.04 9.48
N LEU A 11 -4.18 17.43 10.15
CA LEU A 11 -3.23 16.53 9.49
C LEU A 11 -3.87 15.18 9.20
N THR A 12 -4.72 14.72 10.12
CA THR A 12 -5.40 13.44 9.96
C THR A 12 -6.03 13.33 8.57
N SER A 13 -6.48 14.45 8.03
CA SER A 13 -7.11 14.46 6.72
C SER A 13 -6.11 14.09 5.63
N ILE A 14 -4.94 14.72 5.66
CA ILE A 14 -3.89 14.45 4.68
C ILE A 14 -3.48 12.98 4.72
N ILE A 15 -3.27 12.46 5.93
CA ILE A 15 -2.88 11.07 6.11
C ILE A 15 -3.86 10.12 5.40
N SER A 16 -5.15 10.30 5.69
CA SER A 16 -6.17 9.46 5.09
C SER A 16 -6.12 9.53 3.57
N ALA A 17 -5.84 10.72 3.05
CA ALA A 17 -5.75 10.92 1.61
C ALA A 17 -4.64 10.07 1.00
N VAL A 18 -3.41 10.29 1.46
CA VAL A 18 -2.26 9.55 0.96
C VAL A 18 -2.52 8.04 1.00
N VAL A 19 -2.97 7.55 2.16
CA VAL A 19 -3.25 6.13 2.33
C VAL A 19 -4.12 5.61 1.19
N GLY A 20 -5.29 6.19 1.02
CA GLY A 20 -6.20 5.78 -0.03
C GLY A 20 -5.51 5.71 -1.38
N ILE A 21 -4.90 6.82 -1.78
CA ILE A 21 -4.20 6.89 -3.07
C ILE A 21 -3.11 5.83 -3.16
N LEU A 22 -2.21 5.83 -2.18
CA LEU A 22 -1.11 4.87 -2.15
C LEU A 22 -1.63 3.44 -2.35
N LEU A 23 -2.51 3.02 -1.45
CA LEU A 23 -3.08 1.68 -1.53
C LEU A 23 -3.47 1.33 -2.97
N VAL A 24 -4.29 2.18 -3.57
CA VAL A 24 -4.73 1.97 -4.95
C VAL A 24 -3.54 1.75 -5.88
N VAL A 25 -2.58 2.68 -5.83
CA VAL A 25 -1.39 2.59 -6.67
C VAL A 25 -0.61 1.31 -6.37
N VAL A 26 -0.51 0.97 -5.09
CA VAL A 26 0.21 -0.23 -4.67
C VAL A 26 -0.25 -1.45 -5.45
N LEU A 27 -1.54 -1.77 -5.34
CA LEU A 27 -2.12 -2.91 -6.04
C LEU A 27 -2.11 -2.69 -7.55
N GLY A 28 -2.55 -1.51 -7.97
CA GLY A 28 -2.58 -1.19 -9.39
C GLY A 28 -1.25 -1.45 -10.07
N VAL A 29 -0.18 -0.98 -9.47
CA VAL A 29 1.16 -1.15 -10.02
C VAL A 29 1.66 -2.58 -9.80
N VAL A 30 1.65 -3.01 -8.54
CA VAL A 30 2.10 -4.35 -8.18
C VAL A 30 1.45 -5.40 -9.07
N PHE A 31 0.16 -5.24 -9.32
CA PHE A 31 -0.59 -6.17 -10.15
C PHE A 31 -0.31 -5.93 -11.63
N GLY A 32 -0.23 -4.65 -12.01
CA GLY A 32 0.04 -4.31 -13.39
C GLY A 32 1.28 -4.98 -13.93
N ILE A 33 2.37 -4.90 -13.17
CA ILE A 33 3.63 -5.50 -13.57
C ILE A 33 3.60 -7.01 -13.39
N LEU A 34 3.20 -7.45 -12.21
CA LEU A 34 3.13 -8.87 -11.90
C LEU A 34 2.34 -9.62 -12.97
N ILE A 35 1.10 -9.20 -13.19
CA ILE A 35 0.24 -9.81 -14.19
C ILE A 35 0.84 -9.70 -15.59
N LYS A 36 1.26 -8.49 -15.95
CA LYS A 36 1.86 -8.25 -17.26
C LYS A 36 3.04 -9.17 -17.49
N ARG A 37 3.71 -9.57 -16.41
CA ARG A 37 4.86 -10.45 -16.50
C ARG A 37 4.42 -11.90 -16.70
N ARG A 38 3.31 -12.27 -16.06
CA ARG A 38 2.78 -13.63 -16.17
C ARG A 38 2.26 -13.89 -17.57
N GLN A 39 1.56 -12.91 -18.13
CA GLN A 39 1.00 -13.04 -19.47
C GLN A 39 2.08 -12.88 -20.53
N GLN A 40 2.90 -13.91 -20.70
CA GLN A 40 3.97 -13.89 -21.69
C GLN A 40 3.78 -14.97 -22.73
N LYS A 41 4.66 -14.99 -23.73
CA LYS A 41 4.59 -15.98 -24.80
C LYS A 41 5.71 -17.01 -24.67
N ILE A 42 5.39 -18.27 -24.93
CA ILE A 42 6.37 -19.34 -24.85
C ILE A 42 6.37 -20.19 -26.12
N ARG A 43 7.53 -20.72 -26.46
CA ARG A 43 7.68 -21.55 -27.65
C ARG A 43 7.54 -23.03 -27.31
N LYS A 44 7.58 -23.88 -28.33
CA LYS A 44 7.47 -25.32 -28.14
C LYS A 44 8.81 -26.01 -28.32
N GLY B 1 31.89 9.91 5.42
CA GLY B 1 32.37 10.70 4.31
C GLY B 1 31.53 10.54 3.06
N CYS B 2 31.67 9.39 2.40
CA CYS B 2 30.92 9.11 1.18
C CYS B 2 30.27 7.73 1.25
N PRO B 3 29.22 7.60 2.07
CA PRO B 3 28.50 6.34 2.25
C PRO B 3 27.69 5.96 1.00
N ALA B 4 26.92 4.88 1.11
CA ALA B 4 26.10 4.42 0.01
C ALA B 4 24.88 5.31 -0.19
N GLU B 5 23.84 5.06 0.60
CA GLU B 5 22.61 5.85 0.51
C GLU B 5 22.77 7.20 1.21
N GLN B 6 22.76 8.27 0.42
CA GLN B 6 22.92 9.61 0.96
C GLN B 6 21.69 10.00 1.79
N ARG B 7 21.93 10.76 2.86
CA ARG B 7 20.85 11.20 3.73
C ARG B 7 19.92 12.16 3.00
N ALA B 8 18.65 12.15 3.39
CA ALA B 8 17.65 13.02 2.78
C ALA B 8 16.97 13.90 3.82
N SER B 9 16.37 14.99 3.37
CA SER B 9 15.67 15.91 4.27
C SER B 9 14.74 15.16 5.20
N PRO B 10 14.29 15.85 6.26
CA PRO B 10 13.37 15.26 7.26
C PRO B 10 11.98 15.02 6.69
N LEU B 11 11.68 15.65 5.56
CA LEU B 11 10.38 15.50 4.92
C LEU B 11 10.39 14.33 3.95
N THR B 12 11.44 14.24 3.15
CA THR B 12 11.57 13.17 2.17
C THR B 12 11.82 11.82 2.85
N SER B 13 12.48 11.88 4.01
CA SER B 13 12.78 10.67 4.76
C SER B 13 11.50 10.01 5.28
N ILE B 14 10.66 10.81 5.92
CA ILE B 14 9.40 10.31 6.46
C ILE B 14 8.50 9.78 5.35
N ILE B 15 8.33 10.58 4.30
CA ILE B 15 7.50 10.20 3.17
C ILE B 15 7.88 8.82 2.64
N SER B 16 9.17 8.62 2.40
CA SER B 16 9.67 7.36 1.89
C SER B 16 9.36 6.22 2.86
N ALA B 17 9.46 6.52 4.15
CA ALA B 17 9.18 5.53 5.19
C ALA B 17 7.75 5.02 5.10
N VAL B 18 6.80 5.94 5.21
CA VAL B 18 5.38 5.59 5.14
C VAL B 18 5.08 4.76 3.90
N VAL B 19 5.52 5.25 2.75
CA VAL B 19 5.30 4.55 1.49
C VAL B 19 5.68 3.08 1.60
N GLY B 20 6.94 2.83 1.94
CA GLY B 20 7.40 1.46 2.07
C GLY B 20 6.51 0.62 2.96
N ILE B 21 6.28 1.10 4.18
CA ILE B 21 5.44 0.40 5.13
C ILE B 21 4.03 0.18 4.57
N LEU B 22 3.40 1.26 4.16
CA LEU B 22 2.05 1.19 3.60
C LEU B 22 1.96 0.13 2.51
N LEU B 23 2.78 0.27 1.48
CA LEU B 23 2.80 -0.68 0.38
C LEU B 23 2.76 -2.12 0.90
N VAL B 24 3.70 -2.45 1.77
CA VAL B 24 3.77 -3.79 2.35
C VAL B 24 2.44 -4.19 2.97
N VAL B 25 1.91 -3.33 3.83
CA VAL B 25 0.63 -3.59 4.50
C VAL B 25 -0.49 -3.73 3.47
N VAL B 26 -0.47 -2.88 2.45
CA VAL B 26 -1.49 -2.91 1.42
C VAL B 26 -1.66 -4.31 0.85
N LEU B 27 -0.58 -4.86 0.30
CA LEU B 27 -0.61 -6.20 -0.27
C LEU B 27 -0.80 -7.26 0.81
N GLY B 28 -0.05 -7.15 1.90
CA GLY B 28 -0.17 -8.09 2.99
C GLY B 28 -1.60 -8.26 3.46
N VAL B 29 -2.29 -7.15 3.66
CA VAL B 29 -3.68 -7.19 4.11
C VAL B 29 -4.62 -7.56 2.96
N VAL B 30 -4.53 -6.82 1.87
CA VAL B 30 -5.37 -7.08 0.70
C VAL B 30 -5.32 -8.54 0.31
N PHE B 31 -4.13 -9.12 0.33
CA PHE B 31 -3.95 -10.52 -0.03
C PHE B 31 -4.39 -11.44 1.12
N GLY B 32 -4.05 -11.05 2.34
CA GLY B 32 -4.43 -11.85 3.50
C GLY B 32 -5.91 -12.15 3.54
N ILE B 33 -6.73 -11.11 3.36
CA ILE B 33 -8.17 -11.28 3.37
C ILE B 33 -8.67 -11.94 2.10
N LEU B 34 -8.25 -11.40 0.95
CA LEU B 34 -8.65 -11.93 -0.33
C LEU B 34 -8.40 -13.43 -0.42
N ILE B 35 -7.16 -13.83 -0.19
CA ILE B 35 -6.78 -15.23 -0.24
C ILE B 35 -7.55 -16.04 0.81
N LYS B 36 -7.55 -15.55 2.05
CA LYS B 36 -8.25 -16.22 3.14
C LYS B 36 -9.72 -16.41 2.79
N ARG B 37 -10.25 -15.52 1.96
CA ARG B 37 -11.65 -15.61 1.55
C ARG B 37 -11.84 -16.65 0.46
N ARG B 38 -10.83 -16.80 -0.40
CA ARG B 38 -10.90 -17.76 -1.48
C ARG B 38 -11.13 -19.17 -0.95
N GLN B 39 -10.38 -19.55 0.08
CA GLN B 39 -10.51 -20.86 0.68
C GLN B 39 -11.52 -20.85 1.83
N GLN B 40 -12.65 -20.18 1.61
CA GLN B 40 -13.68 -20.08 2.63
C GLN B 40 -15.06 -19.90 1.99
N LYS B 41 -16.08 -19.79 2.82
CA LYS B 41 -17.46 -19.62 2.33
C LYS B 41 -17.94 -18.19 2.58
N ILE B 42 -18.48 -17.56 1.53
CA ILE B 42 -18.97 -16.21 1.64
C ILE B 42 -20.33 -16.06 0.93
N ARG B 43 -21.16 -15.15 1.44
CA ARG B 43 -22.47 -14.92 0.87
C ARG B 43 -22.45 -13.73 -0.09
N LYS B 44 -23.59 -13.44 -0.69
CA LYS B 44 -23.70 -12.32 -1.61
C LYS B 44 -24.42 -11.14 -0.98
N GLY A 1 -26.28 9.98 23.67
CA GLY A 1 -25.45 10.10 22.49
C GLY A 1 -24.55 11.32 22.54
N CYS A 2 -23.25 11.09 22.73
CA CYS A 2 -22.28 12.17 22.80
C CYS A 2 -20.89 11.69 22.42
N PRO A 3 -20.71 11.33 21.14
CA PRO A 3 -19.43 10.85 20.62
C PRO A 3 -18.38 11.94 20.57
N ALA A 4 -17.22 11.62 20.00
CA ALA A 4 -16.12 12.58 19.88
C ALA A 4 -16.01 13.10 18.45
N GLU A 5 -15.52 14.34 18.32
CA GLU A 5 -15.37 14.96 17.01
C GLU A 5 -14.42 14.14 16.13
N GLN A 6 -14.70 14.13 14.83
CA GLN A 6 -13.89 13.39 13.88
C GLN A 6 -12.91 14.31 13.16
N ARG A 7 -12.35 15.26 13.89
CA ARG A 7 -11.40 16.22 13.32
C ARG A 7 -9.97 15.85 13.70
N ALA A 8 -9.03 16.19 12.83
CA ALA A 8 -7.62 15.90 13.08
C ALA A 8 -6.72 16.92 12.40
N SER A 9 -5.43 16.87 12.70
CA SER A 9 -4.47 17.80 12.12
C SER A 9 -4.61 17.85 10.61
N PRO A 10 -4.01 18.87 9.99
CA PRO A 10 -4.05 19.07 8.53
C PRO A 10 -3.23 18.02 7.80
N LEU A 11 -2.42 17.27 8.54
CA LEU A 11 -1.58 16.24 7.95
C LEU A 11 -2.38 14.96 7.70
N THR A 12 -3.30 14.67 8.61
CA THR A 12 -4.13 13.47 8.48
C THR A 12 -4.73 13.36 7.08
N SER A 13 -4.99 14.51 6.46
CA SER A 13 -5.57 14.54 5.13
C SER A 13 -4.61 13.94 4.10
N ILE A 14 -3.34 14.39 4.16
CA ILE A 14 -2.33 13.89 3.25
C ILE A 14 -2.12 12.39 3.41
N ILE A 15 -2.02 11.95 4.66
CA ILE A 15 -1.82 10.53 4.94
C ILE A 15 -2.88 9.67 4.25
N SER A 16 -4.15 10.00 4.49
CA SER A 16 -5.25 9.27 3.89
C SER A 16 -5.15 9.27 2.36
N ALA A 17 -4.72 10.40 1.82
CA ALA A 17 -4.56 10.54 0.37
C ALA A 17 -3.53 9.55 -0.17
N VAL A 18 -2.31 9.65 0.35
CA VAL A 18 -1.23 8.76 -0.09
C VAL A 18 -1.66 7.30 -0.02
N VAL A 19 -2.18 6.89 1.13
CA VAL A 19 -2.63 5.51 1.32
C VAL A 19 -3.52 5.06 0.16
N GLY A 20 -4.62 5.77 -0.05
CA GLY A 20 -5.53 5.43 -1.13
C GLY A 20 -4.82 5.25 -2.45
N ILE A 21 -4.07 6.27 -2.86
CA ILE A 21 -3.34 6.22 -4.13
C ILE A 21 -2.37 5.04 -4.15
N LEU A 22 -1.50 4.97 -3.15
CA LEU A 22 -0.52 3.89 -3.06
C LEU A 22 -1.19 2.53 -3.24
N LEU A 23 -2.14 2.23 -2.37
CA LEU A 23 -2.86 0.96 -2.43
C LEU A 23 -3.24 0.62 -3.88
N VAL A 24 -3.95 1.54 -4.52
CA VAL A 24 -4.37 1.35 -5.90
C VAL A 24 -3.19 0.98 -6.80
N VAL A 25 -2.13 1.78 -6.72
CA VAL A 25 -0.93 1.55 -7.52
C VAL A 25 -0.30 0.20 -7.18
N VAL A 26 -0.29 -0.13 -5.89
CA VAL A 26 0.29 -1.39 -5.44
C VAL A 26 -0.30 -2.57 -6.20
N LEU A 27 -1.61 -2.72 -6.14
CA LEU A 27 -2.29 -3.81 -6.84
C LEU A 27 -2.23 -3.61 -8.34
N GLY A 28 -2.52 -2.40 -8.79
CA GLY A 28 -2.49 -2.10 -10.20
C GLY A 28 -1.19 -2.52 -10.86
N VAL A 29 -0.07 -2.16 -10.24
CA VAL A 29 1.25 -2.51 -10.76
C VAL A 29 1.57 -3.97 -10.51
N VAL A 30 1.48 -4.38 -9.25
CA VAL A 30 1.77 -5.76 -8.87
C VAL A 30 1.01 -6.74 -9.77
N PHE A 31 -0.26 -6.44 -10.02
CA PHE A 31 -1.09 -7.29 -10.86
C PHE A 31 -0.76 -7.09 -12.34
N GLY A 32 -0.56 -5.83 -12.73
CA GLY A 32 -0.24 -5.54 -14.11
C GLY A 32 0.94 -6.34 -14.62
N ILE A 33 2.01 -6.37 -13.84
CA ILE A 33 3.21 -7.10 -14.22
C ILE A 33 3.03 -8.61 -14.04
N LEU A 34 2.58 -9.00 -12.85
CA LEU A 34 2.35 -10.40 -12.55
C LEU A 34 1.49 -11.06 -13.62
N ILE A 35 0.31 -10.49 -13.86
CA ILE A 35 -0.60 -11.02 -14.86
C ILE A 35 0.02 -10.98 -16.25
N LYS A 36 0.59 -9.83 -16.61
CA LYS A 36 1.22 -9.66 -17.91
C LYS A 36 2.22 -10.78 -18.18
N ARG A 37 3.04 -11.09 -17.17
CA ARG A 37 4.04 -12.14 -17.30
C ARG A 37 3.38 -13.50 -17.52
N ARG A 38 2.26 -13.73 -16.82
CA ARG A 38 1.54 -14.98 -16.93
C ARG A 38 0.89 -15.12 -18.31
N GLN A 39 0.28 -14.03 -18.78
CA GLN A 39 -0.36 -14.03 -20.09
C GLN A 39 0.61 -14.42 -21.18
N GLN A 40 0.13 -14.44 -22.42
CA GLN A 40 0.96 -14.79 -23.57
C GLN A 40 1.98 -13.70 -23.85
N LYS A 41 2.85 -13.94 -24.83
CA LYS A 41 3.87 -12.97 -25.20
C LYS A 41 3.65 -12.47 -26.64
N ILE A 42 2.55 -11.77 -26.85
CA ILE A 42 2.23 -11.24 -28.17
C ILE A 42 2.78 -9.82 -28.33
N ARG A 43 3.61 -9.63 -29.35
CA ARG A 43 4.20 -8.32 -29.62
C ARG A 43 3.57 -7.70 -30.87
N LYS A 44 2.31 -7.32 -30.77
CA LYS A 44 1.60 -6.70 -31.89
C LYS A 44 0.81 -5.48 -31.42
N GLY B 1 29.54 13.18 16.81
CA GLY B 1 29.54 13.26 15.37
C GLY B 1 28.43 12.44 14.74
N CYS B 2 27.43 13.13 14.20
CA CYS B 2 26.30 12.45 13.56
C CYS B 2 25.63 13.35 12.53
N PRO B 3 26.34 13.61 11.43
CA PRO B 3 25.84 14.47 10.35
C PRO B 3 24.70 13.81 9.57
N ALA B 4 24.24 14.49 8.52
CA ALA B 4 23.15 13.97 7.70
C ALA B 4 23.66 13.45 6.37
N GLU B 5 22.97 12.46 5.81
CA GLU B 5 23.36 11.89 4.52
C GLU B 5 23.33 12.95 3.42
N GLN B 6 24.19 12.77 2.43
CA GLN B 6 24.28 13.70 1.31
C GLN B 6 23.44 13.22 0.13
N ARG B 7 22.29 12.63 0.43
CA ARG B 7 21.39 12.12 -0.60
C ARG B 7 20.18 13.04 -0.77
N ALA B 8 19.22 12.90 0.14
CA ALA B 8 18.01 13.73 0.09
C ALA B 8 17.58 14.15 1.49
N SER B 9 16.57 15.02 1.55
CA SER B 9 16.06 15.50 2.83
C SER B 9 15.80 14.35 3.78
N PRO B 10 15.64 14.67 5.07
CA PRO B 10 15.39 13.67 6.12
C PRO B 10 13.99 13.06 6.01
N LEU B 11 13.15 13.68 5.17
CA LEU B 11 11.79 13.19 4.97
C LEU B 11 11.76 12.04 3.98
N THR B 12 12.61 12.11 2.96
CA THR B 12 12.69 11.07 1.95
C THR B 12 12.77 9.68 2.58
N SER B 13 13.39 9.61 3.76
CA SER B 13 13.54 8.35 4.46
C SER B 13 12.18 7.80 4.90
N ILE B 14 11.37 8.67 5.49
CA ILE B 14 10.05 8.27 5.96
C ILE B 14 9.17 7.83 4.80
N ILE B 15 9.19 8.59 3.71
CA ILE B 15 8.40 8.27 2.53
C ILE B 15 8.68 6.85 2.05
N SER B 16 9.96 6.55 1.83
CA SER B 16 10.36 5.21 1.37
C SER B 16 9.89 4.14 2.34
N ALA B 17 9.94 4.46 3.64
CA ALA B 17 9.53 3.52 4.66
C ALA B 17 8.04 3.18 4.54
N VAL B 18 7.20 4.21 4.59
CA VAL B 18 5.76 4.02 4.48
C VAL B 18 5.40 3.21 3.25
N VAL B 19 5.93 3.62 2.09
CA VAL B 19 5.67 2.92 0.84
C VAL B 19 5.89 1.41 1.00
N GLY B 20 7.10 1.03 1.37
CA GLY B 20 7.42 -0.37 1.56
C GLY B 20 6.40 -1.09 2.43
N ILE B 21 6.17 -0.56 3.63
CA ILE B 21 5.23 -1.16 4.55
C ILE B 21 3.83 -1.23 3.94
N LEU B 22 3.33 -0.08 3.49
CA LEU B 22 2.00 -0.01 2.88
C LEU B 22 1.84 -1.10 1.82
N LEU B 23 2.70 -1.05 0.81
CA LEU B 23 2.64 -2.03 -0.28
C LEU B 23 2.43 -3.44 0.26
N VAL B 24 3.31 -3.86 1.17
CA VAL B 24 3.22 -5.18 1.77
C VAL B 24 1.84 -5.43 2.35
N VAL B 25 1.37 -4.48 3.17
CA VAL B 25 0.06 -4.59 3.80
C VAL B 25 -1.05 -4.63 2.75
N VAL B 26 -0.91 -3.81 1.72
CA VAL B 26 -1.89 -3.76 0.64
C VAL B 26 -2.18 -5.15 0.10
N LEU B 27 -1.15 -5.82 -0.40
CA LEU B 27 -1.30 -7.16 -0.96
C LEU B 27 -1.64 -8.17 0.13
N GLY B 28 -0.90 -8.09 1.25
CA GLY B 28 -1.14 -9.01 2.35
C GLY B 28 -2.59 -9.04 2.78
N VAL B 29 -3.19 -7.86 2.94
CA VAL B 29 -4.59 -7.76 3.34
C VAL B 29 -5.52 -8.06 2.18
N VAL B 30 -5.33 -7.35 1.08
CA VAL B 30 -6.16 -7.54 -0.12
C VAL B 30 -6.24 -9.02 -0.49
N PHE B 31 -5.10 -9.71 -0.42
CA PHE B 31 -5.04 -11.13 -0.75
C PHE B 31 -5.60 -11.97 0.39
N GLY B 32 -5.24 -11.61 1.62
CA GLY B 32 -5.71 -12.34 2.78
C GLY B 32 -7.22 -12.50 2.79
N ILE B 33 -7.93 -11.40 2.56
CA ILE B 33 -9.38 -11.42 2.55
C ILE B 33 -9.92 -12.04 1.27
N LEU B 34 -9.44 -11.56 0.13
CA LEU B 34 -9.87 -12.06 -1.16
C LEU B 34 -9.75 -13.59 -1.21
N ILE B 35 -8.56 -14.10 -0.93
CA ILE B 35 -8.33 -15.54 -0.93
C ILE B 35 -9.19 -16.24 0.10
N LYS B 36 -9.16 -15.71 1.33
CA LYS B 36 -9.94 -16.29 2.42
C LYS B 36 -11.41 -16.48 2.01
N ARG B 37 -11.96 -15.47 1.36
CA ARG B 37 -13.35 -15.52 0.91
C ARG B 37 -13.53 -16.61 -0.14
N ARG B 38 -12.55 -16.75 -1.02
CA ARG B 38 -12.60 -17.75 -2.08
C ARG B 38 -12.52 -19.16 -1.50
N GLN B 39 -11.57 -19.38 -0.60
CA GLN B 39 -11.39 -20.69 0.02
C GLN B 39 -12.63 -21.07 0.83
N GLN B 40 -12.61 -22.28 1.38
CA GLN B 40 -13.72 -22.78 2.17
C GLN B 40 -13.74 -22.12 3.55
N LYS B 41 -14.75 -22.46 4.35
CA LYS B 41 -14.88 -21.91 5.69
C LYS B 41 -14.64 -22.98 6.74
N ILE B 42 -13.56 -23.74 6.57
CA ILE B 42 -13.23 -24.81 7.52
C ILE B 42 -11.97 -24.46 8.30
N ARG B 43 -12.09 -24.45 9.63
CA ARG B 43 -10.96 -24.13 10.49
C ARG B 43 -10.45 -25.39 11.20
N LYS B 44 -9.82 -26.28 10.43
CA LYS B 44 -9.29 -27.52 10.98
C LYS B 44 -7.84 -27.72 10.55
N GLY A 1 -12.06 17.82 30.97
CA GLY A 1 -11.66 16.88 29.94
C GLY A 1 -12.42 15.57 30.03
N CYS A 2 -13.59 15.52 29.41
CA CYS A 2 -14.42 14.33 29.42
C CYS A 2 -14.04 13.39 28.29
N PRO A 3 -14.43 12.11 28.41
CA PRO A 3 -14.14 11.09 27.40
C PRO A 3 -14.94 11.31 26.12
N ALA A 4 -14.48 12.25 25.29
CA ALA A 4 -15.15 12.54 24.03
C ALA A 4 -14.14 12.67 22.89
N GLU A 5 -13.93 11.57 22.19
CA GLU A 5 -12.98 11.55 21.07
C GLU A 5 -13.38 12.59 20.01
N GLN A 6 -12.49 13.55 19.78
CA GLN A 6 -12.74 14.60 18.81
C GLN A 6 -12.05 14.27 17.48
N ARG A 7 -11.98 15.27 16.60
CA ARG A 7 -11.36 15.10 15.29
C ARG A 7 -9.89 14.73 15.44
N ALA A 8 -9.14 14.83 14.35
CA ALA A 8 -7.72 14.52 14.35
C ALA A 8 -6.90 15.66 13.75
N SER A 9 -5.60 15.62 13.99
CA SER A 9 -4.70 16.66 13.47
C SER A 9 -4.92 16.88 11.98
N PRO A 10 -4.41 18.01 11.47
CA PRO A 10 -4.55 18.37 10.06
C PRO A 10 -3.72 17.47 9.16
N LEU A 11 -2.83 16.68 9.76
CA LEU A 11 -1.97 15.77 9.01
C LEU A 11 -2.72 14.49 8.65
N THR A 12 -3.61 14.07 9.54
CA THR A 12 -4.39 12.86 9.32
C THR A 12 -5.02 12.86 7.93
N SER A 13 -5.35 14.04 7.42
CA SER A 13 -5.96 14.17 6.11
C SER A 13 -5.01 13.67 5.02
N ILE A 14 -3.79 14.19 5.02
CA ILE A 14 -2.80 13.79 4.03
C ILE A 14 -2.51 12.29 4.10
N ILE A 15 -2.39 11.77 5.32
CA ILE A 15 -2.13 10.36 5.53
C ILE A 15 -3.16 9.50 4.80
N SER A 16 -4.43 9.77 5.05
CA SER A 16 -5.52 9.02 4.42
C SER A 16 -5.43 9.12 2.90
N ALA A 17 -5.05 10.30 2.41
CA ALA A 17 -4.94 10.53 0.99
C ALA A 17 -3.89 9.61 0.36
N VAL A 18 -2.66 9.71 0.87
CA VAL A 18 -1.56 8.88 0.36
C VAL A 18 -1.95 7.41 0.34
N VAL A 19 -2.44 6.92 1.48
CA VAL A 19 -2.85 5.53 1.59
C VAL A 19 -3.74 5.11 0.42
N GLY A 20 -4.87 5.80 0.27
CA GLY A 20 -5.78 5.50 -0.82
C GLY A 20 -5.08 5.42 -2.15
N ILE A 21 -4.36 6.48 -2.52
CA ILE A 21 -3.65 6.53 -3.78
C ILE A 21 -2.65 5.39 -3.89
N LEU A 22 -1.77 5.28 -2.91
CA LEU A 22 -0.76 4.23 -2.90
C LEU A 22 -1.39 2.87 -3.16
N LEU A 23 -2.31 2.47 -2.29
CA LEU A 23 -3.00 1.19 -2.42
C LEU A 23 -3.39 0.93 -3.88
N VAL A 24 -4.13 1.87 -4.46
CA VAL A 24 -4.57 1.74 -5.84
C VAL A 24 -3.38 1.47 -6.77
N VAL A 25 -2.36 2.29 -6.66
CA VAL A 25 -1.16 2.13 -7.50
C VAL A 25 -0.49 0.80 -7.24
N VAL A 26 -0.44 0.39 -5.97
CA VAL A 26 0.17 -0.88 -5.59
C VAL A 26 -0.39 -2.03 -6.42
N LEU A 27 -1.69 -2.22 -6.34
CA LEU A 27 -2.35 -3.29 -7.09
C LEU A 27 -2.30 -3.02 -8.59
N GLY A 28 -2.63 -1.79 -8.98
CA GLY A 28 -2.61 -1.43 -10.38
C GLY A 28 -1.29 -1.77 -11.05
N VAL A 29 -0.19 -1.42 -10.41
CA VAL A 29 1.13 -1.69 -10.95
C VAL A 29 1.51 -3.16 -10.77
N VAL A 30 1.44 -3.63 -9.53
CA VAL A 30 1.77 -5.02 -9.22
C VAL A 30 1.04 -5.98 -10.15
N PHE A 31 -0.23 -5.70 -10.42
CA PHE A 31 -1.03 -6.53 -11.30
C PHE A 31 -0.70 -6.26 -12.77
N GLY A 32 -0.57 -4.98 -13.10
CA GLY A 32 -0.24 -4.61 -14.47
C GLY A 32 0.97 -5.33 -15.00
N ILE A 33 2.03 -5.35 -14.21
CA ILE A 33 3.28 -6.02 -14.61
C ILE A 33 3.14 -7.53 -14.51
N LEU A 34 2.70 -8.00 -13.35
CA LEU A 34 2.52 -9.43 -13.12
C LEU A 34 1.69 -10.07 -14.24
N ILE A 35 0.48 -9.55 -14.43
CA ILE A 35 -0.40 -10.07 -15.47
C ILE A 35 0.23 -9.94 -16.85
N LYS A 36 0.76 -8.75 -17.14
CA LYS A 36 1.40 -8.50 -18.43
C LYS A 36 2.43 -9.58 -18.75
N ARG A 37 3.15 -10.02 -17.72
CA ARG A 37 4.17 -11.05 -17.88
C ARG A 37 3.53 -12.43 -18.07
N ARG A 38 2.40 -12.64 -17.39
CA ARG A 38 1.69 -13.91 -17.48
C ARG A 38 1.16 -14.15 -18.89
N GLN A 39 0.79 -13.06 -19.56
CA GLN A 39 0.27 -13.15 -20.92
C GLN A 39 1.20 -13.96 -21.82
N GLN A 40 0.63 -14.64 -22.80
CA GLN A 40 1.42 -15.46 -23.72
C GLN A 40 1.69 -14.70 -25.03
N LYS A 41 2.78 -13.94 -25.04
CA LYS A 41 3.15 -13.16 -26.22
C LYS A 41 4.47 -13.68 -26.80
N ILE A 42 4.61 -15.00 -26.86
CA ILE A 42 5.83 -15.60 -27.40
C ILE A 42 5.49 -16.60 -28.51
N ARG A 43 6.24 -16.53 -29.60
CA ARG A 43 6.03 -17.43 -30.74
C ARG A 43 6.67 -18.79 -30.48
N LYS A 44 6.13 -19.52 -29.52
CA LYS A 44 6.65 -20.83 -29.18
C LYS A 44 5.65 -21.60 -28.32
N GLY B 1 27.39 9.97 12.99
CA GLY B 1 26.24 10.20 12.13
C GLY B 1 25.30 11.25 12.69
N CYS B 2 25.59 12.52 12.38
CA CYS B 2 24.77 13.62 12.86
C CYS B 2 23.62 13.90 11.89
N PRO B 3 22.58 14.59 12.39
CA PRO B 3 21.41 14.94 11.59
C PRO B 3 21.72 15.98 10.52
N ALA B 4 22.27 15.53 9.40
CA ALA B 4 22.61 16.43 8.30
C ALA B 4 22.13 15.88 6.97
N GLU B 5 20.95 16.32 6.53
CA GLU B 5 20.38 15.86 5.28
C GLU B 5 21.32 16.14 4.12
N GLN B 6 21.74 15.07 3.43
CA GLN B 6 22.65 15.20 2.30
C GLN B 6 21.89 15.14 0.98
N ARG B 7 21.67 13.93 0.49
CA ARG B 7 20.96 13.73 -0.77
C ARG B 7 19.62 14.47 -0.75
N ALA B 8 18.65 13.90 -0.06
CA ALA B 8 17.32 14.51 0.03
C ALA B 8 16.96 14.85 1.48
N SER B 9 15.93 15.65 1.66
CA SER B 9 15.50 16.05 2.99
C SER B 9 15.35 14.84 3.90
N PRO B 10 15.28 15.09 5.22
CA PRO B 10 15.13 14.03 6.22
C PRO B 10 13.76 13.36 6.17
N LEU B 11 12.85 13.97 5.43
CA LEU B 11 11.49 13.44 5.31
C LEU B 11 11.44 12.32 4.26
N THR B 12 12.25 12.47 3.22
CA THR B 12 12.30 11.47 2.15
C THR B 12 12.45 10.06 2.72
N SER B 13 13.14 9.96 3.85
CA SER B 13 13.36 8.67 4.50
C SER B 13 12.03 8.05 4.94
N ILE B 14 11.24 8.82 5.69
CA ILE B 14 9.95 8.34 6.17
C ILE B 14 9.04 7.95 5.01
N ILE B 15 9.02 8.77 3.97
CA ILE B 15 8.19 8.51 2.80
C ILE B 15 8.48 7.12 2.23
N SER B 16 9.75 6.85 1.97
CA SER B 16 10.15 5.55 1.42
C SER B 16 9.73 4.42 2.35
N ALA B 17 9.81 4.65 3.65
CA ALA B 17 9.42 3.66 4.64
C ALA B 17 7.96 3.29 4.52
N VAL B 18 7.08 4.29 4.65
CA VAL B 18 5.65 4.08 4.55
C VAL B 18 5.29 3.32 3.28
N VAL B 19 5.80 3.80 2.14
CA VAL B 19 5.53 3.17 0.86
C VAL B 19 5.78 1.67 0.92
N GLY B 20 7.01 1.29 1.26
CA GLY B 20 7.35 -0.12 1.35
C GLY B 20 6.38 -0.90 2.19
N ILE B 21 6.16 -0.45 3.42
CA ILE B 21 5.25 -1.11 4.34
C ILE B 21 3.84 -1.18 3.75
N LEU B 22 3.30 -0.02 3.36
CA LEU B 22 1.97 0.04 2.78
C LEU B 22 1.81 -0.98 1.66
N LEU B 23 2.64 -0.86 0.63
CA LEU B 23 2.60 -1.78 -0.50
C LEU B 23 2.42 -3.22 -0.03
N VAL B 24 3.33 -3.66 0.84
CA VAL B 24 3.27 -5.03 1.37
C VAL B 24 1.90 -5.32 1.95
N VAL B 25 1.43 -4.45 2.83
CA VAL B 25 0.13 -4.63 3.46
C VAL B 25 -0.99 -4.63 2.43
N VAL B 26 -0.88 -3.75 1.44
CA VAL B 26 -1.88 -3.65 0.38
C VAL B 26 -2.15 -5.01 -0.24
N LEU B 27 -1.12 -5.64 -0.79
CA LEU B 27 -1.25 -6.94 -1.42
C LEU B 27 -1.57 -8.01 -0.38
N GLY B 28 -0.83 -8.00 0.72
CA GLY B 28 -1.04 -8.97 1.78
C GLY B 28 -2.50 -9.04 2.21
N VAL B 29 -3.10 -7.88 2.44
CA VAL B 29 -4.49 -7.82 2.87
C VAL B 29 -5.43 -8.06 1.68
N VAL B 30 -5.26 -7.29 0.62
CA VAL B 30 -6.10 -7.42 -0.57
C VAL B 30 -6.16 -8.87 -1.02
N PHE B 31 -5.03 -9.56 -0.99
CA PHE B 31 -4.97 -10.96 -1.41
C PHE B 31 -5.51 -11.87 -0.32
N GLY B 32 -5.13 -11.59 0.93
CA GLY B 32 -5.59 -12.39 2.04
C GLY B 32 -7.10 -12.54 2.07
N ILE B 33 -7.80 -11.42 1.92
CA ILE B 33 -9.26 -11.44 1.92
C ILE B 33 -9.81 -12.01 0.61
N LEU B 34 -9.35 -11.46 -0.51
CA LEU B 34 -9.79 -11.91 -1.82
C LEU B 34 -9.68 -13.42 -1.95
N ILE B 35 -8.47 -13.94 -1.76
CA ILE B 35 -8.23 -15.38 -1.84
C ILE B 35 -9.08 -16.13 -0.83
N LYS B 36 -9.05 -15.68 0.41
CA LYS B 36 -9.82 -16.32 1.48
C LYS B 36 -11.28 -16.49 1.07
N ARG B 37 -11.80 -15.50 0.34
CA ARG B 37 -13.19 -15.54 -0.11
C ARG B 37 -13.35 -16.51 -1.28
N ARG B 38 -12.33 -16.59 -2.12
CA ARG B 38 -12.35 -17.48 -3.27
C ARG B 38 -12.47 -18.94 -2.83
N GLN B 39 -11.64 -19.33 -1.88
CA GLN B 39 -11.64 -20.70 -1.36
C GLN B 39 -12.96 -21.02 -0.69
N GLN B 40 -13.32 -22.29 -0.67
CA GLN B 40 -14.57 -22.74 -0.05
C GLN B 40 -14.34 -23.11 1.40
N LYS B 41 -13.94 -22.14 2.21
CA LYS B 41 -13.69 -22.37 3.63
C LYS B 41 -14.31 -21.26 4.47
N ILE B 42 -15.63 -21.26 4.56
CA ILE B 42 -16.34 -20.24 5.34
C ILE B 42 -16.78 -20.80 6.69
N ARG B 43 -16.67 -19.98 7.73
CA ARG B 43 -17.05 -20.39 9.07
C ARG B 43 -18.57 -20.42 9.22
N LYS B 44 -19.19 -21.54 8.86
CA LYS B 44 -20.63 -21.68 8.95
C LYS B 44 -21.02 -23.15 9.14
N GLY A 1 -29.72 14.75 9.38
CA GLY A 1 -28.52 14.03 9.00
C GLY A 1 -27.29 14.92 8.98
N CYS A 2 -26.91 15.42 10.15
CA CYS A 2 -25.75 16.30 10.25
C CYS A 2 -25.21 16.33 11.68
N PRO A 3 -24.62 15.20 12.11
CA PRO A 3 -24.06 15.08 13.45
C PRO A 3 -22.81 15.93 13.65
N ALA A 4 -22.47 16.21 14.90
CA ALA A 4 -21.30 17.01 15.22
C ALA A 4 -20.18 16.14 15.80
N GLU A 5 -19.17 15.89 14.98
CA GLU A 5 -18.03 15.06 15.40
C GLU A 5 -16.73 15.85 15.31
N GLN A 6 -15.75 15.46 16.12
CA GLN A 6 -14.45 16.12 16.12
C GLN A 6 -13.49 15.44 15.16
N ARG A 7 -13.23 16.10 14.03
CA ARG A 7 -12.32 15.55 13.02
C ARG A 7 -10.88 15.53 13.53
N ALA A 8 -9.94 15.34 12.61
CA ALA A 8 -8.53 15.30 12.98
C ALA A 8 -7.77 16.49 12.37
N SER A 9 -6.49 16.59 12.70
CA SER A 9 -5.66 17.68 12.20
C SER A 9 -5.78 17.79 10.68
N PRO A 10 -5.34 18.94 10.14
CA PRO A 10 -5.38 19.20 8.70
C PRO A 10 -4.39 18.34 7.92
N LEU A 11 -3.43 17.76 8.64
CA LEU A 11 -2.42 16.92 8.02
C LEU A 11 -2.91 15.47 7.91
N THR A 12 -3.62 15.02 8.94
CA THR A 12 -4.14 13.66 8.96
C THR A 12 -4.88 13.33 7.67
N SER A 13 -5.70 14.28 7.21
CA SER A 13 -6.47 14.09 5.99
C SER A 13 -5.57 13.65 4.84
N ILE A 14 -4.49 14.38 4.63
CA ILE A 14 -3.55 14.07 3.56
C ILE A 14 -2.97 12.67 3.74
N ILE A 15 -2.57 12.35 4.96
CA ILE A 15 -2.00 11.04 5.26
C ILE A 15 -2.94 9.93 4.81
N SER A 16 -4.20 10.01 5.22
CA SER A 16 -5.20 9.00 4.86
C SER A 16 -5.33 8.89 3.35
N ALA A 17 -5.22 10.02 2.67
CA ALA A 17 -5.33 10.05 1.22
C ALA A 17 -4.24 9.21 0.56
N VAL A 18 -2.98 9.58 0.82
CA VAL A 18 -1.84 8.86 0.26
C VAL A 18 -1.96 7.36 0.52
N VAL A 19 -2.24 7.01 1.76
CA VAL A 19 -2.37 5.61 2.14
C VAL A 19 -3.31 4.87 1.20
N GLY A 20 -4.58 5.29 1.17
CA GLY A 20 -5.55 4.66 0.31
C GLY A 20 -5.05 4.51 -1.12
N ILE A 21 -4.64 5.62 -1.72
CA ILE A 21 -4.15 5.61 -3.09
C ILE A 21 -2.99 4.63 -3.25
N LEU A 22 -2.10 4.61 -2.25
CA LEU A 22 -0.94 3.72 -2.27
C LEU A 22 -1.39 2.27 -2.41
N LEU A 23 -2.31 1.85 -1.56
CA LEU A 23 -2.82 0.49 -1.59
C LEU A 23 -3.34 0.12 -2.98
N VAL A 24 -4.20 0.97 -3.53
CA VAL A 24 -4.75 0.74 -4.86
C VAL A 24 -3.65 0.57 -5.90
N VAL A 25 -2.66 1.46 -5.85
CA VAL A 25 -1.54 1.40 -6.78
C VAL A 25 -0.72 0.14 -6.59
N VAL A 26 -0.47 -0.22 -5.33
CA VAL A 26 0.30 -1.40 -5.01
C VAL A 26 -0.24 -2.63 -5.74
N LEU A 27 -1.54 -2.88 -5.56
CA LEU A 27 -2.19 -4.02 -6.20
C LEU A 27 -2.31 -3.81 -7.71
N GLY A 28 -2.78 -2.62 -8.08
CA GLY A 28 -2.92 -2.31 -9.50
C GLY A 28 -1.67 -2.58 -10.30
N VAL A 29 -0.53 -2.13 -9.76
CA VAL A 29 0.76 -2.33 -10.43
C VAL A 29 1.25 -3.76 -10.26
N VAL A 30 1.33 -4.21 -9.01
CA VAL A 30 1.79 -5.56 -8.72
C VAL A 30 1.04 -6.59 -9.56
N PHE A 31 -0.26 -6.41 -9.67
CA PHE A 31 -1.10 -7.32 -10.44
C PHE A 31 -0.94 -7.07 -11.94
N GLY A 32 -0.97 -5.79 -12.32
CA GLY A 32 -0.84 -5.43 -13.72
C GLY A 32 0.39 -6.05 -14.36
N ILE A 33 1.52 -5.93 -13.70
CA ILE A 33 2.77 -6.49 -14.21
C ILE A 33 2.79 -8.00 -14.10
N LEU A 34 2.51 -8.51 -12.90
CA LEU A 34 2.50 -9.95 -12.65
C LEU A 34 1.62 -10.66 -13.67
N ILE A 35 0.34 -10.30 -13.69
CA ILE A 35 -0.61 -10.91 -14.62
C ILE A 35 -0.14 -10.75 -16.06
N LYS A 36 0.25 -9.54 -16.43
CA LYS A 36 0.73 -9.25 -17.77
C LYS A 36 1.84 -10.21 -18.18
N ARG A 37 2.85 -10.33 -17.32
CA ARG A 37 3.97 -11.22 -17.58
C ARG A 37 3.49 -12.63 -17.91
N ARG A 38 2.52 -13.11 -17.14
CA ARG A 38 1.96 -14.44 -17.34
C ARG A 38 1.23 -14.52 -18.68
N GLN A 39 0.37 -13.54 -18.94
CA GLN A 39 -0.39 -13.50 -20.18
C GLN A 39 0.52 -13.28 -21.38
N GLN A 40 -0.06 -13.24 -22.57
CA GLN A 40 0.70 -13.02 -23.79
C GLN A 40 1.17 -11.58 -23.89
N LYS A 41 1.98 -11.29 -24.91
CA LYS A 41 2.50 -9.95 -25.12
C LYS A 41 2.42 -9.56 -26.59
N ILE A 42 2.39 -8.26 -26.85
CA ILE A 42 2.32 -7.75 -28.22
C ILE A 42 3.32 -6.63 -28.44
N ARG A 43 3.34 -6.09 -29.67
CA ARG A 43 4.26 -5.01 -30.01
C ARG A 43 3.50 -3.79 -30.53
N LYS A 44 4.22 -2.73 -30.83
CA LYS A 44 3.62 -1.51 -31.34
C LYS A 44 3.30 -1.63 -32.82
N GLY B 1 19.38 -3.17 5.71
CA GLY B 1 19.33 -2.37 4.50
C GLY B 1 18.78 -0.98 4.75
N CYS B 2 19.52 -0.19 5.52
CA CYS B 2 19.10 1.17 5.83
C CYS B 2 20.29 2.03 6.26
N PRO B 3 21.13 2.39 5.28
CA PRO B 3 22.33 3.21 5.54
C PRO B 3 21.98 4.65 5.90
N ALA B 4 22.93 5.34 6.51
CA ALA B 4 22.72 6.73 6.91
C ALA B 4 23.48 7.68 6.01
N GLU B 5 22.78 8.22 5.01
CA GLU B 5 23.39 9.15 4.07
C GLU B 5 22.56 10.43 3.95
N GLN B 6 23.24 11.53 3.62
CA GLN B 6 22.56 12.81 3.48
C GLN B 6 22.14 13.05 2.02
N ARG B 7 21.02 12.45 1.64
CA ARG B 7 20.51 12.59 0.28
C ARG B 7 19.43 13.67 0.22
N ALA B 8 18.24 13.34 0.69
CA ALA B 8 17.13 14.29 0.68
C ALA B 8 16.83 14.77 2.10
N SER B 9 15.82 15.64 2.21
CA SER B 9 15.44 16.19 3.50
C SER B 9 15.25 15.09 4.53
N PRO B 10 15.21 15.47 5.82
CA PRO B 10 15.04 14.53 6.92
C PRO B 10 13.64 13.93 6.96
N LEU B 11 12.71 14.56 6.26
CA LEU B 11 11.33 14.09 6.21
C LEU B 11 11.14 13.07 5.09
N THR B 12 11.80 13.30 3.97
CA THR B 12 11.71 12.40 2.82
C THR B 12 11.98 10.95 3.24
N SER B 13 13.00 10.77 4.07
CA SER B 13 13.36 9.43 4.53
C SER B 13 12.14 8.70 5.11
N ILE B 14 11.45 9.37 6.04
CA ILE B 14 10.27 8.79 6.66
C ILE B 14 9.21 8.44 5.62
N ILE B 15 8.97 9.37 4.69
CA ILE B 15 7.99 9.15 3.63
C ILE B 15 8.27 7.85 2.88
N SER B 16 9.50 7.69 2.43
CA SER B 16 9.88 6.49 1.69
C SER B 16 9.65 5.24 2.53
N ALA B 17 9.89 5.36 3.84
CA ALA B 17 9.70 4.24 4.75
C ALA B 17 8.25 3.77 4.75
N VAL B 18 7.35 4.66 5.12
CA VAL B 18 5.92 4.34 5.16
C VAL B 18 5.46 3.71 3.86
N VAL B 19 5.81 4.35 2.74
CA VAL B 19 5.43 3.85 1.43
C VAL B 19 5.77 2.37 1.28
N GLY B 20 7.06 2.05 1.35
CA GLY B 20 7.49 0.67 1.22
C GLY B 20 6.70 -0.27 2.11
N ILE B 21 6.68 0.02 3.41
CA ILE B 21 5.94 -0.80 4.36
C ILE B 21 4.48 -0.95 3.96
N LEU B 22 3.90 0.15 3.50
CA LEU B 22 2.49 0.15 3.08
C LEU B 22 2.26 -0.89 1.98
N LEU B 23 3.09 -0.85 0.95
CA LEU B 23 2.98 -1.79 -0.16
C LEU B 23 3.00 -3.23 0.34
N VAL B 24 4.00 -3.56 1.15
CA VAL B 24 4.12 -4.91 1.69
C VAL B 24 2.86 -5.32 2.45
N VAL B 25 2.36 -4.42 3.28
CA VAL B 25 1.15 -4.68 4.06
C VAL B 25 -0.06 -4.86 3.15
N VAL B 26 -0.17 -3.99 2.15
CA VAL B 26 -1.28 -4.06 1.21
C VAL B 26 -1.44 -5.45 0.64
N LEU B 27 -0.37 -5.98 0.08
CA LEU B 27 -0.38 -7.32 -0.51
C LEU B 27 -0.50 -8.38 0.57
N GLY B 28 0.33 -8.26 1.60
CA GLY B 28 0.30 -9.22 2.69
C GLY B 28 -1.08 -9.43 3.26
N VAL B 29 -1.81 -8.34 3.48
CA VAL B 29 -3.16 -8.41 4.01
C VAL B 29 -4.15 -8.82 2.94
N VAL B 30 -4.17 -8.08 1.84
CA VAL B 30 -5.07 -8.36 0.73
C VAL B 30 -5.00 -9.83 0.33
N PHE B 31 -3.79 -10.37 0.27
CA PHE B 31 -3.59 -11.76 -0.10
C PHE B 31 -3.91 -12.68 1.07
N GLY B 32 -3.43 -12.33 2.26
CA GLY B 32 -3.69 -13.13 3.44
C GLY B 32 -5.16 -13.43 3.62
N ILE B 33 -5.99 -12.40 3.52
CA ILE B 33 -7.43 -12.57 3.69
C ILE B 33 -8.05 -13.27 2.48
N LEU B 34 -7.77 -12.73 1.30
CA LEU B 34 -8.30 -13.30 0.06
C LEU B 34 -8.01 -14.80 -0.01
N ILE B 35 -6.73 -15.15 0.00
CA ILE B 35 -6.33 -16.55 -0.05
C ILE B 35 -6.97 -17.35 1.06
N LYS B 36 -6.89 -16.84 2.28
CA LYS B 36 -7.48 -17.52 3.44
C LYS B 36 -8.93 -17.85 3.19
N ARG B 37 -9.71 -16.86 2.78
CA ARG B 37 -11.12 -17.05 2.50
C ARG B 37 -11.34 -18.23 1.54
N ARG B 38 -10.51 -18.30 0.50
CA ARG B 38 -10.61 -19.35 -0.48
C ARG B 38 -10.33 -20.72 0.16
N GLN B 39 -9.25 -20.79 0.92
CA GLN B 39 -8.86 -22.03 1.58
C GLN B 39 -9.91 -22.45 2.61
N GLN B 40 -9.67 -23.58 3.26
CA GLN B 40 -10.60 -24.09 4.27
C GLN B 40 -10.53 -23.26 5.55
N LYS B 41 -11.42 -23.56 6.49
CA LYS B 41 -11.45 -22.85 7.76
C LYS B 41 -11.63 -23.82 8.92
N ILE B 42 -11.22 -23.38 10.11
CA ILE B 42 -11.34 -24.22 11.30
C ILE B 42 -11.92 -23.43 12.47
N ARG B 43 -12.08 -24.08 13.61
CA ARG B 43 -12.64 -23.44 14.80
C ARG B 43 -11.67 -23.56 15.98
N LYS B 44 -12.06 -22.97 17.10
CA LYS B 44 -11.23 -23.02 18.31
C LYS B 44 -11.37 -24.36 19.01
N GLY A 1 -24.48 15.19 2.60
CA GLY A 1 -24.18 14.37 3.76
C GLY A 1 -24.69 14.98 5.05
N CYS A 2 -24.40 14.33 6.17
CA CYS A 2 -24.83 14.81 7.47
C CYS A 2 -23.70 15.51 8.20
N PRO A 3 -24.06 16.33 9.20
CA PRO A 3 -23.08 17.09 10.00
C PRO A 3 -22.26 16.18 10.90
N ALA A 4 -22.63 14.91 10.96
CA ALA A 4 -21.92 13.94 11.80
C ALA A 4 -20.46 13.84 11.40
N GLU A 5 -20.14 14.33 10.20
CA GLU A 5 -18.76 14.30 9.72
C GLU A 5 -17.88 15.25 10.52
N GLN A 6 -16.88 14.68 11.19
CA GLN A 6 -15.96 15.47 12.00
C GLN A 6 -14.75 15.89 11.18
N ARG A 7 -14.75 17.14 10.73
CA ARG A 7 -13.64 17.67 9.94
C ARG A 7 -12.35 17.67 10.74
N ALA A 8 -11.22 17.55 10.05
CA ALA A 8 -9.92 17.55 10.70
C ALA A 8 -8.96 18.53 10.03
N SER A 9 -7.76 18.65 10.58
CA SER A 9 -6.76 19.56 10.03
C SER A 9 -6.60 19.37 8.53
N PRO A 10 -5.97 20.34 7.86
CA PRO A 10 -5.74 20.30 6.41
C PRO A 10 -4.74 19.23 6.01
N LEU A 11 -4.05 18.68 7.00
CA LEU A 11 -3.05 17.65 6.75
C LEU A 11 -3.71 16.27 6.62
N THR A 12 -4.75 16.05 7.41
CA THR A 12 -5.48 14.77 7.38
C THR A 12 -5.84 14.39 5.96
N SER A 13 -6.08 15.39 5.11
CA SER A 13 -6.44 15.15 3.72
C SER A 13 -5.27 14.56 2.94
N ILE A 14 -4.08 15.12 3.15
CA ILE A 14 -2.88 14.65 2.48
C ILE A 14 -2.56 13.21 2.85
N ILE A 15 -2.64 12.92 4.15
CA ILE A 15 -2.36 11.57 4.65
C ILE A 15 -3.28 10.54 3.97
N SER A 16 -4.58 10.81 4.00
CA SER A 16 -5.57 9.91 3.41
C SER A 16 -5.28 9.73 1.92
N ALA A 17 -4.78 10.77 1.28
CA ALA A 17 -4.47 10.73 -0.14
C ALA A 17 -3.37 9.72 -0.43
N VAL A 18 -2.20 9.95 0.16
CA VAL A 18 -1.06 9.05 -0.03
C VAL A 18 -1.44 7.60 0.23
N VAL A 19 -2.11 7.37 1.36
CA VAL A 19 -2.54 6.02 1.73
C VAL A 19 -3.27 5.35 0.58
N GLY A 20 -4.41 5.91 0.20
CA GLY A 20 -5.19 5.35 -0.89
C GLY A 20 -4.36 5.04 -2.10
N ILE A 21 -3.65 6.05 -2.61
CA ILE A 21 -2.80 5.87 -3.78
C ILE A 21 -1.79 4.75 -3.57
N LEU A 22 -1.23 4.69 -2.37
CA LEU A 22 -0.24 3.67 -2.04
C LEU A 22 -0.83 2.28 -2.24
N LEU A 23 -2.01 2.05 -1.69
CA LEU A 23 -2.68 0.76 -1.80
C LEU A 23 -2.84 0.35 -3.27
N VAL A 24 -3.39 1.26 -4.07
CA VAL A 24 -3.59 1.00 -5.50
C VAL A 24 -2.28 0.63 -6.18
N VAL A 25 -1.23 1.39 -5.89
CA VAL A 25 0.08 1.14 -6.47
C VAL A 25 0.63 -0.22 -6.03
N VAL A 26 0.48 -0.51 -4.74
CA VAL A 26 0.96 -1.78 -4.18
C VAL A 26 0.45 -2.96 -4.99
N LEU A 27 -0.87 -3.03 -5.17
CA LEU A 27 -1.49 -4.10 -5.93
C LEU A 27 -1.20 -3.96 -7.42
N GLY A 28 -1.35 -2.74 -7.93
CA GLY A 28 -1.10 -2.50 -9.34
C GLY A 28 0.27 -2.98 -9.78
N VAL A 29 1.29 -2.67 -8.99
CA VAL A 29 2.65 -3.07 -9.30
C VAL A 29 2.88 -4.54 -8.98
N VAL A 30 2.57 -4.94 -7.75
CA VAL A 30 2.73 -6.32 -7.32
C VAL A 30 2.07 -7.28 -8.30
N PHE A 31 0.85 -6.94 -8.72
CA PHE A 31 0.11 -7.77 -9.67
C PHE A 31 0.65 -7.60 -11.09
N GLY A 32 0.99 -6.36 -11.44
CA GLY A 32 1.51 -6.08 -12.76
C GLY A 32 2.71 -6.95 -13.11
N ILE A 33 3.68 -7.01 -12.20
CA ILE A 33 4.88 -7.81 -12.41
C ILE A 33 4.59 -9.29 -12.25
N LEU A 34 3.95 -9.64 -11.14
CA LEU A 34 3.62 -11.03 -10.84
C LEU A 34 2.88 -11.66 -12.02
N ILE A 35 1.77 -11.04 -12.42
CA ILE A 35 0.97 -11.55 -13.53
C ILE A 35 1.78 -11.55 -14.83
N LYS A 36 2.51 -10.48 -15.06
CA LYS A 36 3.33 -10.37 -16.26
C LYS A 36 4.21 -11.60 -16.45
N ARG A 37 4.81 -12.06 -15.34
CA ARG A 37 5.67 -13.24 -15.38
C ARG A 37 4.85 -14.51 -15.53
N ARG A 38 3.65 -14.51 -14.96
CA ARG A 38 2.77 -15.67 -15.03
C ARG A 38 2.23 -15.87 -16.45
N GLN A 39 2.06 -14.76 -17.15
CA GLN A 39 1.55 -14.80 -18.53
C GLN A 39 1.58 -13.42 -19.17
N GLN A 40 1.18 -13.35 -20.43
CA GLN A 40 1.16 -12.08 -21.16
C GLN A 40 -0.24 -11.78 -21.69
N LYS A 41 -0.44 -10.55 -22.15
CA LYS A 41 -1.73 -10.13 -22.69
C LYS A 41 -1.59 -9.62 -24.12
N ILE A 42 -2.70 -9.23 -24.71
CA ILE A 42 -2.69 -8.72 -26.08
C ILE A 42 -3.56 -7.47 -26.20
N ARG A 43 -3.53 -6.84 -27.37
CA ARG A 43 -4.31 -5.65 -27.63
C ARG A 43 -4.81 -5.61 -29.06
N LYS A 44 -5.57 -4.57 -29.40
CA LYS A 44 -6.11 -4.41 -30.74
C LYS A 44 -5.02 -3.92 -31.71
N GLY B 1 33.08 0.93 -4.61
CA GLY B 1 32.53 2.25 -4.44
C GLY B 1 31.76 2.39 -3.14
N CYS B 2 31.16 3.56 -2.93
CA CYS B 2 30.40 3.81 -1.71
C CYS B 2 28.89 3.67 -1.97
N PRO B 3 28.12 3.48 -0.90
CA PRO B 3 26.67 3.33 -0.98
C PRO B 3 25.97 4.62 -1.37
N ALA B 4 26.74 5.71 -1.42
CA ALA B 4 26.19 7.02 -1.78
C ALA B 4 24.92 7.32 -1.00
N GLU B 5 24.83 6.77 0.21
CA GLU B 5 23.65 6.98 1.06
C GLU B 5 23.55 8.44 1.50
N GLN B 6 22.53 9.12 1.01
CA GLN B 6 22.31 10.52 1.36
C GLN B 6 21.33 10.66 2.51
N ARG B 7 21.87 10.96 3.70
CA ARG B 7 21.04 11.12 4.89
C ARG B 7 20.03 12.24 4.70
N ALA B 8 18.86 12.08 5.32
CA ALA B 8 17.80 13.08 5.22
C ALA B 8 17.22 13.39 6.59
N SER B 9 16.29 14.35 6.64
CA SER B 9 15.66 14.75 7.89
C SER B 9 15.17 13.53 8.67
N PRO B 10 14.86 13.73 9.95
CA PRO B 10 14.37 12.67 10.83
C PRO B 10 12.96 12.21 10.46
N LEU B 11 12.30 12.99 9.60
CA LEU B 11 10.95 12.67 9.17
C LEU B 11 10.96 11.64 8.04
N THR B 12 11.96 11.74 7.17
CA THR B 12 12.09 10.82 6.05
C THR B 12 11.97 9.36 6.52
N SER B 13 12.43 9.11 7.74
CA SER B 13 12.39 7.76 8.30
C SER B 13 10.94 7.33 8.56
N ILE B 14 10.15 8.22 9.13
CA ILE B 14 8.75 7.93 9.42
C ILE B 14 7.97 7.64 8.15
N ILE B 15 8.18 8.47 7.13
CA ILE B 15 7.49 8.31 5.86
C ILE B 15 7.77 6.93 5.26
N SER B 16 9.05 6.57 5.18
CA SER B 16 9.44 5.28 4.63
C SER B 16 8.82 4.13 5.43
N ALA B 17 8.66 4.35 6.74
CA ALA B 17 8.08 3.34 7.61
C ALA B 17 6.63 3.05 7.22
N VAL B 18 5.79 4.09 7.29
CA VAL B 18 4.38 3.96 6.96
C VAL B 18 4.20 3.30 5.59
N VAL B 19 4.93 3.80 4.60
CA VAL B 19 4.86 3.26 3.25
C VAL B 19 5.01 1.75 3.24
N GLY B 20 6.17 1.28 3.68
CA GLY B 20 6.43 -0.15 3.73
C GLY B 20 5.30 -0.92 4.38
N ILE B 21 4.97 -0.53 5.61
CA ILE B 21 3.91 -1.20 6.36
C ILE B 21 2.60 -1.18 5.57
N LEU B 22 2.32 -0.05 4.93
CA LEU B 22 1.09 0.08 4.13
C LEU B 22 1.02 -0.98 3.05
N LEU B 23 2.10 -1.13 2.29
CA LEU B 23 2.16 -2.13 1.23
C LEU B 23 1.84 -3.51 1.76
N VAL B 24 2.53 -3.91 2.82
CA VAL B 24 2.32 -5.22 3.42
C VAL B 24 0.86 -5.42 3.81
N VAL B 25 0.28 -4.40 4.45
CA VAL B 25 -1.12 -4.46 4.86
C VAL B 25 -2.05 -4.56 3.67
N VAL B 26 -1.78 -3.77 2.64
CA VAL B 26 -2.59 -3.77 1.43
C VAL B 26 -2.76 -5.18 0.89
N LEU B 27 -1.64 -5.86 0.67
CA LEU B 27 -1.68 -7.22 0.16
C LEU B 27 -2.19 -8.20 1.22
N GLY B 28 -1.68 -8.07 2.43
CA GLY B 28 -2.10 -8.95 3.51
C GLY B 28 -3.60 -8.97 3.68
N VAL B 29 -4.22 -7.80 3.67
CA VAL B 29 -5.67 -7.70 3.82
C VAL B 29 -6.38 -8.08 2.53
N VAL B 30 -6.02 -7.44 1.44
CA VAL B 30 -6.62 -7.72 0.14
C VAL B 30 -6.61 -9.21 -0.17
N PHE B 31 -5.48 -9.85 0.11
CA PHE B 31 -5.34 -11.29 -0.14
C PHE B 31 -6.04 -12.10 0.95
N GLY B 32 -5.93 -11.63 2.19
CA GLY B 32 -6.57 -12.32 3.30
C GLY B 32 -8.05 -12.53 3.08
N ILE B 33 -8.75 -11.47 2.70
CA ILE B 33 -10.18 -11.56 2.46
C ILE B 33 -10.49 -12.26 1.14
N LEU B 34 -9.82 -11.81 0.07
CA LEU B 34 -10.02 -12.40 -1.25
C LEU B 34 -9.85 -13.91 -1.20
N ILE B 35 -8.70 -14.37 -0.70
CA ILE B 35 -8.43 -15.79 -0.60
C ILE B 35 -9.41 -16.48 0.34
N LYS B 36 -9.69 -15.85 1.47
CA LYS B 36 -10.62 -16.40 2.44
C LYS B 36 -11.95 -16.79 1.78
N ARG B 37 -12.42 -15.92 0.88
CA ARG B 37 -13.67 -16.17 0.17
C ARG B 37 -13.48 -17.24 -0.90
N ARG B 38 -12.29 -17.27 -1.49
CA ARG B 38 -11.98 -18.24 -2.54
C ARG B 38 -11.90 -19.65 -1.97
N GLN B 39 -11.39 -19.75 -0.74
CA GLN B 39 -11.26 -21.04 -0.08
C GLN B 39 -10.77 -20.87 1.35
N GLN B 40 -10.59 -22.00 2.06
CA GLN B 40 -10.13 -21.96 3.44
C GLN B 40 -8.84 -22.77 3.60
N LYS B 41 -8.24 -22.66 4.77
CA LYS B 41 -6.99 -23.39 5.05
C LYS B 41 -7.18 -24.34 6.23
N ILE B 42 -6.15 -25.12 6.52
CA ILE B 42 -6.19 -26.08 7.61
C ILE B 42 -4.86 -26.14 8.35
N ARG B 43 -4.82 -26.92 9.43
CA ARG B 43 -3.60 -27.06 10.22
C ARG B 43 -3.44 -28.49 10.72
N LYS B 44 -2.33 -28.75 11.40
CA LYS B 44 -2.05 -30.08 11.93
C LYS B 44 -2.86 -30.34 13.19
#